data_6RZ2
#
_entry.id   6RZ2
#
_cell.length_a   50.842
_cell.length_b   111.579
_cell.length_c   165.565
_cell.angle_alpha   90.00
_cell.angle_beta   90.00
_cell.angle_gamma   90.00
#
_symmetry.space_group_name_H-M   'P 21 21 21'
#
loop_
_entity.id
_entity.type
_entity.pdbx_description
1 polymer 'Adenosyl-chloride synthase'
2 non-polymer "5'-CHLORO-5'-DEOXYADENOSINE"
3 water water
#
_entity_poly.entity_id   1
_entity_poly.type   'polypeptide(L)'
_entity_poly.pdbx_seq_one_letter_code
;MQHNLIAFLSDVGSADEAHALCKGVMYGVAPAATIVDITHDVAPFDVREGALFLADVPHSFPAHTVICAYVYPETGTATH
TIAVRNEKGQLLVGPNNGLLSFALDASPAVECHEVLSPDVMNQPVTPTWYGKDIVAACAAHLAAGTDLAAVGPRIDPKQI
VRLPYASASEVEGGIRGEVVRIDRAFGNVWTNIPTHLIGSMLQDGERLEVKIEALSDTVLELPFCKTFGEVDEGQPLLYL
NSRGRLALGLNQSNFIEKWPVVPGDSITVSPRVPDSNLGPVLG
;
_entity_poly.pdbx_strand_id   A,B,C
#
loop_
_chem_comp.id
_chem_comp.type
_chem_comp.name
_chem_comp.formula
5CD non-polymer 5'-CHLORO-5'-DEOXYADENOSINE 'C10 H12 Cl N5 O3'
#
# COMPACT_ATOMS: atom_id res chain seq x y z
N MET A 1 15.50 -16.40 18.57
CA MET A 1 14.46 -16.95 19.46
C MET A 1 13.35 -15.91 19.81
N GLN A 2 13.63 -14.63 20.11
CA GLN A 2 12.57 -13.57 19.98
C GLN A 2 12.27 -13.35 18.48
N HIS A 3 11.01 -13.20 18.11
CA HIS A 3 10.57 -12.91 16.72
C HIS A 3 9.48 -11.85 16.74
N ASN A 4 9.87 -10.61 16.98
CA ASN A 4 8.91 -9.50 17.18
C ASN A 4 8.58 -8.82 15.84
N LEU A 5 9.14 -9.24 14.73
CA LEU A 5 8.88 -8.62 13.41
C LEU A 5 8.15 -9.62 12.53
N ILE A 6 6.98 -9.25 12.04
CA ILE A 6 6.17 -10.11 11.13
C ILE A 6 6.20 -9.45 9.75
N ALA A 7 6.65 -10.18 8.74
CA ALA A 7 6.69 -9.77 7.33
C ALA A 7 5.60 -10.53 6.57
N PHE A 8 4.63 -9.82 5.98
CA PHE A 8 3.32 -10.40 5.60
C PHE A 8 3.11 -10.30 4.10
N LEU A 9 2.83 -11.42 3.45
CA LEU A 9 2.54 -11.47 1.97
C LEU A 9 1.23 -12.21 1.74
N SER A 10 0.46 -11.77 0.74
CA SER A 10 -0.71 -12.52 0.26
C SER A 10 -1.09 -12.06 -1.15
N ASP A 11 -2.17 -12.64 -1.66
CA ASP A 11 -2.75 -12.32 -2.97
C ASP A 11 -4.10 -11.62 -2.76
N VAL A 12 -4.42 -11.07 -1.58
CA VAL A 12 -5.79 -10.50 -1.36
C VAL A 12 -5.86 -9.02 -1.77
N GLY A 13 -4.74 -8.41 -2.15
CA GLY A 13 -4.67 -7.00 -2.51
C GLY A 13 -4.72 -6.10 -1.29
N SER A 14 -4.48 -4.82 -1.51
CA SER A 14 -4.52 -3.81 -0.42
C SER A 14 -5.58 -2.76 -0.76
N ALA A 15 -6.52 -3.09 -1.64
CA ALA A 15 -7.55 -2.15 -2.13
C ALA A 15 -8.82 -2.23 -1.26
N ASP A 16 -8.91 -3.20 -0.36
CA ASP A 16 -10.02 -3.25 0.62
C ASP A 16 -9.43 -3.62 1.98
N GLU A 17 -10.29 -3.91 2.95
CA GLU A 17 -9.84 -4.13 4.34
C GLU A 17 -9.34 -5.55 4.64
N ALA A 18 -9.43 -6.48 3.69
CA ALA A 18 -9.19 -7.91 4.04
C ALA A 18 -7.78 -8.11 4.60
N HIS A 19 -6.74 -7.61 3.93
CA HIS A 19 -5.33 -7.76 4.38
C HIS A 19 -5.19 -7.12 5.78
N ALA A 20 -5.91 -6.05 6.05
CA ALA A 20 -5.87 -5.33 7.35
C ALA A 20 -6.61 -6.08 8.45
N LEU A 21 -7.66 -6.85 8.11
CA LEU A 21 -8.34 -7.66 9.17
C LEU A 21 -7.34 -8.70 9.71
N CYS A 22 -6.56 -9.28 8.82
CA CYS A 22 -5.49 -10.23 9.21
C CYS A 22 -4.53 -9.54 10.17
N LYS A 23 -4.16 -8.28 9.89
CA LYS A 23 -3.24 -7.57 10.79
C LYS A 23 -3.93 -7.31 12.13
N GLY A 24 -5.22 -6.96 12.12
CA GLY A 24 -6.01 -6.85 13.36
C GLY A 24 -5.91 -8.12 14.20
N VAL A 25 -6.15 -9.27 13.59
CA VAL A 25 -6.03 -10.56 14.29
C VAL A 25 -4.61 -10.72 14.86
N MET A 26 -3.58 -10.41 14.09
CA MET A 26 -2.18 -10.56 14.54
C MET A 26 -1.85 -9.62 15.71
N TYR A 27 -2.26 -8.36 15.64
CA TYR A 27 -2.02 -7.40 16.75
C TYR A 27 -2.78 -7.83 18.01
N GLY A 28 -3.95 -8.43 17.88
CA GLY A 28 -4.71 -8.90 19.06
C GLY A 28 -3.94 -9.98 19.79
N VAL A 29 -3.31 -10.88 19.03
CA VAL A 29 -2.50 -12.01 19.60
C VAL A 29 -1.13 -11.51 20.06
N ALA A 30 -0.47 -10.63 19.33
CA ALA A 30 0.92 -10.20 19.54
C ALA A 30 0.96 -8.68 19.54
N PRO A 31 0.43 -8.03 20.59
CA PRO A 31 0.20 -6.59 20.56
C PRO A 31 1.49 -5.77 20.48
N ALA A 32 2.63 -6.36 20.79
CA ALA A 32 3.94 -5.67 20.74
C ALA A 32 4.65 -5.90 19.40
N ALA A 33 4.10 -6.71 18.51
CA ALA A 33 4.77 -7.08 17.23
C ALA A 33 4.83 -5.85 16.31
N THR A 34 5.88 -5.78 15.53
CA THR A 34 5.98 -4.88 14.37
C THR A 34 5.49 -5.70 13.18
N ILE A 35 4.54 -5.18 12.42
CA ILE A 35 4.02 -5.91 11.24
C ILE A 35 4.31 -5.06 10.01
N VAL A 36 5.01 -5.64 9.05
CA VAL A 36 5.37 -4.93 7.79
C VAL A 36 4.89 -5.78 6.61
N ASP A 37 4.21 -5.15 5.65
CA ASP A 37 3.82 -5.87 4.42
C ASP A 37 5.05 -6.16 3.57
N ILE A 38 5.06 -7.31 2.94
CA ILE A 38 5.95 -7.59 1.80
C ILE A 38 5.16 -7.07 0.59
N THR A 39 4.05 -7.71 0.23
CA THR A 39 3.08 -7.15 -0.73
C THR A 39 1.81 -7.99 -0.63
N HIS A 40 0.66 -7.41 -0.96
CA HIS A 40 -0.61 -8.17 -1.07
C HIS A 40 -1.02 -8.23 -2.55
N ASP A 41 -0.14 -7.84 -3.47
CA ASP A 41 -0.51 -7.80 -4.91
C ASP A 41 0.03 -8.98 -5.71
N VAL A 42 0.27 -10.10 -5.06
CA VAL A 42 0.51 -11.35 -5.81
C VAL A 42 -0.75 -11.57 -6.67
N ALA A 43 -0.57 -11.98 -7.91
CA ALA A 43 -1.70 -12.32 -8.80
C ALA A 43 -2.55 -13.39 -8.12
N PRO A 44 -3.89 -13.31 -8.25
CA PRO A 44 -4.76 -14.22 -7.53
C PRO A 44 -4.45 -15.70 -7.82
N PHE A 45 -4.29 -16.48 -6.74
CA PHE A 45 -4.05 -17.94 -6.77
C PHE A 45 -2.65 -18.26 -7.29
N ASP A 46 -1.81 -17.27 -7.55
CA ASP A 46 -0.52 -17.50 -8.24
C ASP A 46 0.55 -17.85 -7.19
N VAL A 47 0.60 -19.13 -6.81
CA VAL A 47 1.53 -19.63 -5.77
C VAL A 47 2.95 -19.42 -6.25
N ARG A 48 3.24 -19.68 -7.51
CA ARG A 48 4.61 -19.51 -8.03
C ARG A 48 5.05 -18.04 -7.93
N GLU A 49 4.22 -17.09 -8.31
CA GLU A 49 4.62 -15.66 -8.22
C GLU A 49 4.86 -15.30 -6.74
N GLY A 50 3.99 -15.76 -5.85
CA GLY A 50 4.21 -15.55 -4.41
C GLY A 50 5.55 -16.09 -3.99
N ALA A 51 5.86 -17.32 -4.43
CA ALA A 51 7.13 -17.99 -4.08
C ALA A 51 8.31 -17.14 -4.56
N LEU A 52 8.23 -16.58 -5.77
CA LEU A 52 9.34 -15.74 -6.32
C LEU A 52 9.49 -14.48 -5.46
N PHE A 53 8.38 -13.86 -5.09
CA PHE A 53 8.43 -12.61 -4.27
C PHE A 53 9.05 -12.87 -2.90
N LEU A 54 8.91 -14.10 -2.36
CA LEU A 54 9.48 -14.44 -1.04
C LEU A 54 10.97 -14.84 -1.13
N ALA A 55 11.48 -15.16 -2.32
CA ALA A 55 12.83 -15.77 -2.49
C ALA A 55 13.89 -15.01 -1.70
N ASP A 56 13.90 -13.68 -1.80
CA ASP A 56 15.01 -12.87 -1.22
C ASP A 56 14.63 -12.31 0.16
N VAL A 57 13.46 -12.64 0.66
CA VAL A 57 13.01 -12.13 1.99
C VAL A 57 13.91 -12.64 3.13
N PRO A 58 14.27 -13.95 3.21
CA PRO A 58 15.13 -14.39 4.30
C PRO A 58 16.44 -13.60 4.40
N HIS A 59 17.10 -13.39 3.26
CA HIS A 59 18.41 -12.69 3.19
C HIS A 59 18.25 -11.23 3.63
N SER A 60 17.21 -10.52 3.21
CA SER A 60 17.05 -9.08 3.53
C SER A 60 16.55 -8.84 4.95
N PHE A 61 15.73 -9.72 5.51
CA PHE A 61 15.11 -9.52 6.84
C PHE A 61 16.02 -10.09 7.91
N PRO A 62 15.97 -9.52 9.11
CA PRO A 62 16.82 -10.03 10.20
C PRO A 62 16.29 -11.36 10.79
N ALA A 63 17.13 -11.98 11.62
CA ALA A 63 16.87 -13.30 12.23
C ALA A 63 15.56 -13.31 13.03
N HIS A 64 15.15 -12.20 13.62
CA HIS A 64 13.96 -12.12 14.52
C HIS A 64 12.66 -11.88 13.73
N THR A 65 12.60 -12.31 12.49
CA THR A 65 11.43 -12.15 11.58
C THR A 65 10.61 -13.42 11.53
N VAL A 66 9.31 -13.26 11.58
CA VAL A 66 8.33 -14.30 11.19
C VAL A 66 7.86 -13.92 9.79
N ILE A 67 8.14 -14.76 8.80
CA ILE A 67 7.66 -14.58 7.41
C ILE A 67 6.29 -15.27 7.33
N CYS A 68 5.24 -14.48 7.19
CA CYS A 68 3.83 -14.91 7.24
C CYS A 68 3.30 -14.73 5.81
N ALA A 69 2.94 -15.80 5.11
CA ALA A 69 2.61 -15.67 3.67
C ALA A 69 1.48 -16.63 3.34
N TYR A 70 0.47 -16.14 2.60
CA TYR A 70 -0.50 -17.07 2.04
C TYR A 70 -0.98 -16.65 0.66
N VAL A 71 -0.94 -17.66 -0.22
CA VAL A 71 -1.65 -17.69 -1.52
C VAL A 71 -2.31 -19.06 -1.48
N TYR A 72 -3.60 -19.14 -1.17
CA TYR A 72 -4.16 -20.36 -0.54
C TYR A 72 -5.48 -20.76 -1.20
N PRO A 73 -5.48 -21.06 -2.52
CA PRO A 73 -6.71 -21.51 -3.18
C PRO A 73 -7.20 -22.87 -2.65
N GLU A 74 -6.35 -23.57 -1.88
CA GLU A 74 -6.71 -24.86 -1.23
C GLU A 74 -7.30 -24.61 0.15
N THR A 75 -7.63 -23.37 0.51
CA THR A 75 -8.19 -23.07 1.85
C THR A 75 -9.41 -23.98 2.10
N GLY A 76 -9.54 -24.48 3.32
CA GLY A 76 -10.68 -25.30 3.75
C GLY A 76 -10.56 -26.74 3.31
N THR A 77 -9.41 -27.19 2.83
CA THR A 77 -9.18 -28.57 2.33
C THR A 77 -8.10 -29.26 3.18
N ALA A 78 -7.64 -30.43 2.74
CA ALA A 78 -6.59 -31.20 3.44
C ALA A 78 -5.19 -30.60 3.23
N THR A 79 -5.02 -29.52 2.45
CA THR A 79 -3.71 -28.84 2.26
C THR A 79 -3.42 -28.05 3.54
N HIS A 80 -2.51 -28.53 4.37
CA HIS A 80 -2.29 -27.92 5.71
C HIS A 80 -1.40 -26.69 5.60
N THR A 81 -1.45 -25.86 6.64
CA THR A 81 -0.46 -24.80 6.90
C THR A 81 0.72 -25.44 7.59
N ILE A 82 1.92 -24.99 7.25
CA ILE A 82 3.17 -25.41 7.93
C ILE A 82 3.87 -24.22 8.58
N ALA A 83 4.64 -24.49 9.60
CA ALA A 83 5.49 -23.52 10.30
C ALA A 83 6.89 -24.12 10.34
N VAL A 84 7.87 -23.32 9.91
CA VAL A 84 9.27 -23.77 9.70
C VAL A 84 10.22 -22.83 10.41
N ARG A 85 11.28 -23.34 11.02
CA ARG A 85 12.46 -22.52 11.40
C ARG A 85 13.54 -22.77 10.37
N ASN A 86 14.13 -21.72 9.84
CA ASN A 86 15.18 -21.87 8.80
C ASN A 86 16.56 -21.76 9.45
N GLU A 87 17.60 -21.95 8.66
CA GLU A 87 19.01 -21.91 9.11
C GLU A 87 19.42 -20.53 9.63
N LYS A 88 18.75 -19.46 9.18
CA LYS A 88 19.03 -18.09 9.68
C LYS A 88 18.37 -17.88 11.06
N GLY A 89 17.47 -18.77 11.47
CA GLY A 89 16.74 -18.64 12.74
C GLY A 89 15.42 -17.91 12.59
N GLN A 90 15.00 -17.59 11.36
CA GLN A 90 13.68 -16.98 11.09
C GLN A 90 12.61 -18.07 11.17
N LEU A 91 11.37 -17.66 11.39
CA LEU A 91 10.21 -18.57 11.32
C LEU A 91 9.40 -18.21 10.07
N LEU A 92 8.85 -19.21 9.42
CA LEU A 92 8.00 -19.03 8.23
C LEU A 92 6.70 -19.78 8.48
N VAL A 93 5.60 -19.18 8.08
CA VAL A 93 4.27 -19.82 8.20
C VAL A 93 3.57 -19.64 6.85
N GLY A 94 3.04 -20.71 6.29
CA GLY A 94 2.25 -20.61 5.06
C GLY A 94 1.67 -21.93 4.66
N PRO A 95 0.77 -21.93 3.67
CA PRO A 95 0.20 -23.16 3.15
C PRO A 95 1.32 -24.07 2.60
N ASN A 96 1.15 -25.39 2.76
CA ASN A 96 2.08 -26.40 2.21
C ASN A 96 1.69 -26.69 0.77
N ASN A 97 1.81 -25.70 -0.11
CA ASN A 97 1.42 -25.82 -1.55
C ASN A 97 2.56 -25.35 -2.46
N GLY A 98 3.76 -25.18 -1.92
CA GLY A 98 4.94 -24.74 -2.67
C GLY A 98 5.27 -23.27 -2.47
N LEU A 99 4.41 -22.52 -1.79
CA LEU A 99 4.62 -21.05 -1.58
C LEU A 99 5.98 -20.71 -1.01
N LEU A 100 6.47 -21.48 -0.03
CA LEU A 100 7.71 -21.16 0.69
C LEU A 100 8.95 -21.73 -0.03
N SER A 101 8.78 -22.37 -1.19
CA SER A 101 9.87 -23.13 -1.89
C SER A 101 11.17 -22.32 -2.04
N PHE A 102 11.09 -21.13 -2.60
CA PHE A 102 12.29 -20.36 -3.01
C PHE A 102 12.91 -19.66 -1.79
N ALA A 103 12.08 -19.26 -0.82
CA ALA A 103 12.58 -18.78 0.48
C ALA A 103 13.38 -19.88 1.17
N LEU A 104 12.91 -21.12 1.10
CA LEU A 104 13.62 -22.24 1.77
C LEU A 104 14.88 -22.60 0.94
N ASP A 105 14.89 -22.41 -0.37
CA ASP A 105 16.15 -22.57 -1.16
C ASP A 105 17.20 -21.60 -0.66
N ALA A 106 16.81 -20.36 -0.32
CA ALA A 106 17.75 -19.32 0.17
C ALA A 106 18.26 -19.70 1.56
N SER A 107 17.38 -20.15 2.46
CA SER A 107 17.76 -20.54 3.84
C SER A 107 17.00 -21.81 4.21
N PRO A 108 17.65 -22.99 4.16
CA PRO A 108 16.94 -24.26 4.32
C PRO A 108 16.17 -24.42 5.64
N ALA A 109 15.13 -25.25 5.59
CA ALA A 109 14.34 -25.67 6.75
C ALA A 109 15.25 -26.42 7.74
N VAL A 110 15.14 -26.12 9.02
CA VAL A 110 15.81 -26.92 10.09
C VAL A 110 14.76 -27.75 10.82
N GLU A 111 13.64 -27.14 11.20
CA GLU A 111 12.55 -27.80 11.94
C GLU A 111 11.24 -27.39 11.25
N CYS A 112 10.34 -28.34 11.01
CA CYS A 112 9.11 -28.13 10.25
C CYS A 112 7.96 -28.80 11.00
N HIS A 113 6.84 -28.11 11.16
CA HIS A 113 5.61 -28.67 11.79
C HIS A 113 4.42 -28.37 10.89
N GLU A 114 3.40 -29.22 10.95
CA GLU A 114 2.05 -28.88 10.47
C GLU A 114 1.35 -28.08 11.56
N VAL A 115 0.57 -27.07 11.17
CA VAL A 115 -0.17 -26.22 12.12
C VAL A 115 -1.54 -26.87 12.28
N LEU A 116 -1.72 -27.58 13.39
CA LEU A 116 -2.98 -28.34 13.65
C LEU A 116 -3.56 -27.96 15.01
N SER A 117 -2.81 -27.35 15.92
CA SER A 117 -3.30 -27.02 17.28
C SER A 117 -4.34 -25.90 17.23
N PRO A 118 -5.55 -26.10 17.77
CA PRO A 118 -6.57 -25.05 17.76
C PRO A 118 -6.14 -23.77 18.47
N ASP A 119 -5.22 -23.91 19.43
CA ASP A 119 -4.79 -22.81 20.31
C ASP A 119 -3.89 -21.83 19.57
N VAL A 120 -3.41 -22.15 18.36
CA VAL A 120 -2.63 -21.15 17.57
C VAL A 120 -3.48 -20.65 16.39
N MET A 121 -4.78 -20.95 16.38
CA MET A 121 -5.71 -20.53 15.30
C MET A 121 -6.67 -19.50 15.86
N ASN A 122 -7.26 -18.74 14.95
CA ASN A 122 -8.35 -17.78 15.29
C ASN A 122 -9.67 -18.52 15.16
N GLN A 123 -10.35 -18.76 16.29
CA GLN A 123 -11.57 -19.62 16.36
C GLN A 123 -12.82 -18.77 16.27
N PRO A 124 -13.88 -19.22 15.60
CA PRO A 124 -13.85 -20.46 14.82
C PRO A 124 -13.18 -20.24 13.46
N VAL A 125 -12.46 -21.23 12.95
CA VAL A 125 -11.70 -21.11 11.68
C VAL A 125 -12.69 -21.12 10.51
N THR A 126 -12.68 -20.07 9.67
CA THR A 126 -13.61 -20.03 8.51
C THR A 126 -12.98 -20.80 7.36
N PRO A 127 -13.72 -21.72 6.71
CA PRO A 127 -13.13 -22.54 5.64
C PRO A 127 -12.53 -21.77 4.46
N THR A 128 -13.09 -20.63 4.10
CA THR A 128 -12.59 -19.86 2.94
C THR A 128 -11.50 -18.84 3.33
N TRP A 129 -11.00 -18.86 4.57
CA TRP A 129 -9.94 -17.88 4.92
C TRP A 129 -9.00 -18.46 5.96
N TYR A 130 -8.40 -19.61 5.63
CA TYR A 130 -7.28 -20.18 6.41
C TYR A 130 -6.15 -19.14 6.50
N GLY A 131 -6.02 -18.26 5.51
CA GLY A 131 -4.96 -17.24 5.49
C GLY A 131 -5.04 -16.39 6.76
N LYS A 132 -6.25 -16.01 7.16
CA LYS A 132 -6.44 -15.19 8.38
C LYS A 132 -6.43 -16.10 9.62
N ASP A 133 -7.23 -17.16 9.61
CA ASP A 133 -7.54 -17.89 10.86
C ASP A 133 -6.45 -18.91 11.23
N ILE A 134 -5.59 -19.32 10.31
CA ILE A 134 -4.50 -20.28 10.58
C ILE A 134 -3.17 -19.59 10.32
N VAL A 135 -2.92 -19.10 9.11
CA VAL A 135 -1.57 -18.59 8.75
C VAL A 135 -1.22 -17.34 9.54
N ALA A 136 -2.05 -16.30 9.49
CA ALA A 136 -1.78 -15.03 10.23
C ALA A 136 -1.84 -15.28 11.74
N ALA A 137 -2.84 -15.99 12.21
CA ALA A 137 -3.01 -16.30 13.64
C ALA A 137 -1.76 -17.02 14.16
N CYS A 138 -1.30 -18.06 13.46
CA CYS A 138 -0.17 -18.88 13.96
C CYS A 138 1.11 -18.02 13.96
N ALA A 139 1.35 -17.22 12.90
CA ALA A 139 2.50 -16.30 12.84
C ALA A 139 2.53 -15.41 14.09
N ALA A 140 1.36 -14.89 14.49
CA ALA A 140 1.25 -13.95 15.61
C ALA A 140 1.55 -14.72 16.91
N HIS A 141 1.02 -15.93 17.09
CA HIS A 141 1.30 -16.77 18.29
C HIS A 141 2.81 -17.01 18.40
N LEU A 142 3.49 -17.28 17.30
CA LEU A 142 4.95 -17.47 17.30
C LEU A 142 5.66 -16.16 17.66
N ALA A 143 5.17 -15.02 17.19
CA ALA A 143 5.73 -13.69 17.56
C ALA A 143 5.48 -13.41 19.06
N ALA A 144 4.43 -13.95 19.64
CA ALA A 144 4.01 -13.66 21.04
C ALA A 144 4.62 -14.67 22.01
N GLY A 145 5.53 -15.54 21.57
CA GLY A 145 6.25 -16.44 22.50
C GLY A 145 5.83 -17.90 22.44
N THR A 146 4.86 -18.32 21.61
CA THR A 146 4.50 -19.75 21.51
C THR A 146 5.69 -20.51 20.92
N ASP A 147 6.05 -21.66 21.48
CA ASP A 147 7.09 -22.54 20.90
C ASP A 147 6.63 -23.10 19.55
N LEU A 148 7.54 -23.22 18.61
CA LEU A 148 7.22 -23.82 17.28
C LEU A 148 6.63 -25.22 17.47
N ALA A 149 7.14 -26.01 18.42
CA ALA A 149 6.72 -27.41 18.61
C ALA A 149 5.25 -27.50 19.02
N ALA A 150 4.70 -26.44 19.64
CA ALA A 150 3.31 -26.44 20.12
C ALA A 150 2.30 -26.21 18.96
N VAL A 151 2.73 -25.93 17.72
CA VAL A 151 1.75 -25.61 16.65
C VAL A 151 1.11 -26.89 16.14
N GLY A 152 1.76 -28.02 16.31
CA GLY A 152 1.28 -29.30 15.74
C GLY A 152 2.44 -30.24 15.47
N PRO A 153 2.19 -31.35 14.75
CA PRO A 153 3.17 -32.42 14.63
C PRO A 153 4.34 -32.05 13.73
N ARG A 154 5.49 -32.58 14.10
CA ARG A 154 6.73 -32.44 13.30
C ARG A 154 6.55 -33.20 11.99
N ILE A 155 7.07 -32.64 10.91
CA ILE A 155 7.15 -33.35 9.60
C ILE A 155 8.59 -33.31 9.11
N ASP A 156 8.95 -34.22 8.23
CA ASP A 156 10.29 -34.19 7.58
C ASP A 156 10.32 -33.07 6.55
N PRO A 157 11.48 -32.40 6.33
CA PRO A 157 11.57 -31.33 5.33
C PRO A 157 11.09 -31.77 3.93
N LYS A 158 11.29 -33.06 3.56
CA LYS A 158 10.84 -33.51 2.21
C LYS A 158 9.29 -33.53 2.12
N GLN A 159 8.55 -33.42 3.23
CA GLN A 159 7.07 -33.34 3.15
C GLN A 159 6.65 -31.90 2.81
N ILE A 160 7.58 -30.95 2.77
CA ILE A 160 7.27 -29.57 2.26
C ILE A 160 7.20 -29.64 0.74
N VAL A 161 6.05 -29.37 0.17
CA VAL A 161 5.84 -29.28 -1.32
C VAL A 161 6.81 -28.27 -1.92
N ARG A 162 7.54 -28.65 -2.98
CA ARG A 162 8.50 -27.74 -3.64
C ARG A 162 8.10 -27.51 -5.09
N LEU A 163 8.14 -26.26 -5.52
CA LEU A 163 7.93 -25.89 -6.92
C LEU A 163 9.25 -26.09 -7.66
N PRO A 164 9.23 -26.71 -8.86
CA PRO A 164 10.42 -26.83 -9.70
C PRO A 164 10.94 -25.45 -10.16
N TYR A 165 12.25 -25.31 -10.27
CA TYR A 165 12.86 -24.01 -10.67
C TYR A 165 13.91 -24.30 -11.73
N ALA A 166 13.71 -23.82 -12.95
CA ALA A 166 14.59 -24.09 -14.11
C ALA A 166 16.00 -23.54 -13.87
N SER A 167 17.02 -24.28 -14.25
CA SER A 167 18.44 -23.86 -14.19
C SER A 167 18.91 -23.55 -15.62
N ALA A 168 19.69 -22.50 -15.80
CA ALA A 168 20.31 -22.16 -17.11
C ALA A 168 21.39 -23.21 -17.41
N SER A 169 21.70 -23.44 -18.69
CA SER A 169 22.80 -24.36 -19.07
C SER A 169 23.59 -23.88 -20.31
N GLU A 170 24.81 -24.41 -20.47
CA GLU A 170 25.66 -24.24 -21.67
C GLU A 170 25.02 -25.05 -22.81
N VAL A 171 24.89 -24.44 -23.99
CA VAL A 171 24.49 -25.14 -25.26
C VAL A 171 25.56 -24.83 -26.31
N GLU A 172 25.42 -25.38 -27.53
CA GLU A 172 26.31 -25.08 -28.68
C GLU A 172 26.46 -23.55 -28.77
N GLY A 173 27.61 -23.03 -28.32
CA GLY A 173 28.06 -21.65 -28.59
C GLY A 173 27.41 -20.59 -27.73
N GLY A 174 26.88 -20.93 -26.54
CA GLY A 174 26.40 -19.92 -25.57
C GLY A 174 25.65 -20.50 -24.38
N ILE A 175 24.78 -19.71 -23.76
CA ILE A 175 24.02 -20.10 -22.54
C ILE A 175 22.53 -19.91 -22.80
N ARG A 176 21.75 -20.97 -22.55
CA ARG A 176 20.29 -20.98 -22.71
C ARG A 176 19.70 -20.88 -21.30
N GLY A 177 18.97 -19.82 -21.05
CA GLY A 177 18.18 -19.66 -19.81
C GLY A 177 16.76 -19.29 -20.14
N GLU A 178 16.07 -18.74 -19.15
CA GLU A 178 14.71 -18.25 -19.42
C GLU A 178 14.41 -17.04 -18.54
N VAL A 179 13.35 -16.38 -18.94
CA VAL A 179 12.79 -15.23 -18.18
C VAL A 179 12.13 -15.83 -16.92
N VAL A 180 12.56 -15.36 -15.75
CA VAL A 180 11.98 -15.78 -14.45
C VAL A 180 10.82 -14.85 -14.10
N ARG A 181 11.07 -13.54 -14.19
CA ARG A 181 10.05 -12.54 -13.82
C ARG A 181 10.38 -11.20 -14.47
N ILE A 182 9.37 -10.36 -14.52
CA ILE A 182 9.49 -8.97 -15.01
C ILE A 182 9.57 -8.07 -13.77
N ASP A 183 10.51 -7.15 -13.80
CA ASP A 183 10.61 -6.03 -12.81
C ASP A 183 9.57 -5.00 -13.26
N ARG A 184 8.29 -5.20 -12.92
CA ARG A 184 7.16 -4.57 -13.65
C ARG A 184 7.12 -3.06 -13.46
N ALA A 185 7.61 -2.51 -12.35
CA ALA A 185 7.60 -1.03 -12.16
C ALA A 185 8.36 -0.35 -13.31
N PHE A 186 9.39 -1.01 -13.82
CA PHE A 186 10.34 -0.42 -14.79
C PHE A 186 10.29 -1.10 -16.17
N GLY A 187 9.84 -2.34 -16.25
CA GLY A 187 9.85 -3.15 -17.48
C GLY A 187 11.15 -3.89 -17.73
N ASN A 188 12.02 -4.02 -16.74
CA ASN A 188 13.27 -4.80 -16.85
C ASN A 188 12.92 -6.28 -16.84
N VAL A 189 13.71 -7.06 -17.55
CA VAL A 189 13.51 -8.55 -17.67
C VAL A 189 14.57 -9.28 -16.86
N TRP A 190 14.15 -10.19 -15.97
CA TRP A 190 15.09 -10.92 -15.10
C TRP A 190 15.15 -12.38 -15.56
N THR A 191 16.37 -12.90 -15.74
CA THR A 191 16.59 -14.30 -16.20
C THR A 191 17.10 -15.14 -15.05
N ASN A 192 17.29 -16.44 -15.32
CA ASN A 192 17.86 -17.40 -14.34
C ASN A 192 19.33 -17.64 -14.65
N ILE A 193 19.97 -16.78 -15.45
CA ILE A 193 21.39 -16.96 -15.85
C ILE A 193 22.29 -16.31 -14.81
N PRO A 194 23.07 -17.09 -14.04
CA PRO A 194 24.00 -16.53 -13.08
C PRO A 194 25.31 -15.99 -13.68
N THR A 195 25.88 -15.04 -12.93
CA THR A 195 27.19 -14.39 -13.15
C THR A 195 28.20 -15.39 -13.72
N HIS A 196 28.38 -16.55 -13.07
CA HIS A 196 29.52 -17.44 -13.36
C HIS A 196 29.41 -18.00 -14.78
N LEU A 197 28.21 -18.19 -15.33
CA LEU A 197 28.06 -18.79 -16.68
C LEU A 197 28.50 -17.80 -17.77
N ILE A 198 28.37 -16.50 -17.54
CA ILE A 198 28.68 -15.50 -18.61
C ILE A 198 30.12 -15.00 -18.47
N GLY A 199 30.80 -15.30 -17.35
CA GLY A 199 32.22 -15.01 -17.12
C GLY A 199 33.09 -15.40 -18.30
N SER A 200 32.89 -16.59 -18.86
CA SER A 200 33.68 -17.19 -19.98
C SER A 200 33.69 -16.24 -21.19
N MET A 201 32.62 -15.46 -21.34
CA MET A 201 32.11 -14.86 -22.60
C MET A 201 32.36 -13.34 -22.62
N LEU A 202 32.61 -12.74 -21.46
CA LEU A 202 32.76 -11.26 -21.29
C LEU A 202 34.18 -10.87 -21.71
N GLU A 206 33.55 -6.08 -25.13
CA GLU A 206 32.71 -7.31 -25.24
C GLU A 206 31.64 -7.08 -26.31
N ARG A 207 30.35 -7.25 -25.94
CA ARG A 207 29.10 -7.04 -26.74
C ARG A 207 28.53 -8.39 -27.18
N LEU A 208 27.28 -8.72 -26.80
CA LEU A 208 26.78 -10.13 -26.82
C LEU A 208 25.50 -10.22 -27.65
N GLU A 209 25.32 -11.35 -28.31
CA GLU A 209 24.08 -11.67 -29.04
C GLU A 209 23.11 -12.27 -28.02
N VAL A 210 21.93 -11.70 -27.93
CA VAL A 210 20.84 -12.25 -27.07
C VAL A 210 19.70 -12.63 -28.02
N LYS A 211 19.29 -13.90 -27.97
CA LYS A 211 18.12 -14.42 -28.73
C LYS A 211 16.97 -14.62 -27.75
N ILE A 212 15.88 -13.90 -27.99
CA ILE A 212 14.62 -13.96 -27.20
C ILE A 212 13.61 -14.75 -28.01
N GLU A 213 13.10 -15.87 -27.46
CA GLU A 213 12.00 -16.66 -28.08
C GLU A 213 10.69 -16.39 -27.32
N ALA A 214 9.80 -15.60 -27.92
CA ALA A 214 8.51 -15.15 -27.34
C ALA A 214 7.42 -15.30 -28.40
N LEU A 215 6.42 -14.42 -28.45
CA LEU A 215 5.38 -14.41 -29.52
C LEU A 215 6.07 -14.29 -30.87
N SER A 216 7.17 -13.53 -30.93
CA SER A 216 8.12 -13.45 -32.06
C SER A 216 9.55 -13.69 -31.54
N ASP A 217 10.43 -14.24 -32.40
CA ASP A 217 11.86 -14.48 -32.07
C ASP A 217 12.66 -13.23 -32.45
N THR A 218 13.42 -12.65 -31.51
CA THR A 218 14.17 -11.38 -31.68
C THR A 218 15.65 -11.62 -31.32
N VAL A 219 16.57 -11.21 -32.21
CA VAL A 219 18.03 -11.18 -31.89
C VAL A 219 18.45 -9.71 -31.65
N LEU A 220 19.09 -9.44 -30.52
CA LEU A 220 19.71 -8.12 -30.22
C LEU A 220 21.20 -8.31 -30.02
N GLU A 221 22.03 -7.35 -30.42
CA GLU A 221 23.44 -7.28 -30.00
C GLU A 221 23.53 -6.18 -28.94
N LEU A 222 23.84 -6.56 -27.71
CA LEU A 222 23.72 -5.69 -26.51
C LEU A 222 25.04 -5.58 -25.80
N PRO A 223 25.34 -4.37 -25.28
CA PRO A 223 26.51 -4.18 -24.44
C PRO A 223 26.20 -4.77 -23.06
N PHE A 224 27.17 -5.43 -22.46
CA PHE A 224 27.14 -5.89 -21.06
C PHE A 224 27.66 -4.76 -20.17
N CYS A 225 26.81 -4.22 -19.30
CA CYS A 225 27.05 -3.02 -18.46
C CYS A 225 26.91 -3.37 -16.97
N LYS A 226 27.49 -2.55 -16.10
CA LYS A 226 27.29 -2.67 -14.63
C LYS A 226 25.93 -2.07 -14.26
N THR A 227 25.51 -1.02 -14.95
CA THR A 227 24.29 -0.28 -14.55
C THR A 227 23.68 0.48 -15.73
N PHE A 228 22.49 1.02 -15.51
CA PHE A 228 21.60 1.61 -16.53
C PHE A 228 22.28 2.77 -17.25
N GLY A 229 22.95 3.66 -16.50
CA GLY A 229 23.47 4.92 -17.06
C GLY A 229 24.65 4.72 -17.99
N GLU A 230 25.13 3.49 -18.19
CA GLU A 230 26.30 3.21 -19.04
C GLU A 230 25.93 3.21 -20.53
N VAL A 231 24.65 3.26 -20.89
CA VAL A 231 24.22 3.52 -22.30
C VAL A 231 23.38 4.80 -22.31
N ASP A 232 23.08 5.33 -23.50
CA ASP A 232 22.23 6.54 -23.65
C ASP A 232 20.79 6.20 -23.21
N GLU A 233 20.05 7.22 -22.79
CA GLU A 233 18.63 7.07 -22.41
C GLU A 233 17.87 6.44 -23.57
N GLY A 234 17.06 5.44 -23.26
CA GLY A 234 16.22 4.73 -24.24
C GLY A 234 16.94 3.56 -24.87
N GLN A 235 18.23 3.36 -24.62
CA GLN A 235 19.02 2.31 -25.30
C GLN A 235 19.02 1.05 -24.42
N PRO A 236 19.07 -0.14 -25.05
CA PRO A 236 19.08 -1.41 -24.32
C PRO A 236 20.45 -1.82 -23.77
N LEU A 237 20.41 -2.57 -22.66
CA LEU A 237 21.61 -3.13 -22.01
C LEU A 237 21.32 -4.50 -21.40
N LEU A 238 22.36 -5.31 -21.34
CA LEU A 238 22.49 -6.50 -20.49
C LEU A 238 23.22 -6.07 -19.21
N TYR A 239 22.81 -6.59 -18.06
CA TYR A 239 23.47 -6.29 -16.76
C TYR A 239 23.18 -7.43 -15.79
N LEU A 240 23.97 -7.56 -14.75
CA LEU A 240 23.67 -8.44 -13.60
C LEU A 240 22.79 -7.66 -12.62
N ASN A 241 21.62 -8.22 -12.31
CA ASN A 241 20.64 -7.55 -11.42
C ASN A 241 21.09 -7.69 -9.96
N SER A 242 20.30 -7.13 -9.05
CA SER A 242 20.58 -7.13 -7.60
C SER A 242 20.59 -8.57 -7.03
N ARG A 243 20.12 -9.57 -7.78
CA ARG A 243 20.04 -10.98 -7.34
C ARG A 243 21.17 -11.80 -7.98
N GLY A 244 22.13 -11.18 -8.69
CA GLY A 244 23.29 -11.87 -9.31
C GLY A 244 22.93 -12.62 -10.60
N ARG A 245 21.86 -12.19 -11.29
CA ARG A 245 21.37 -12.89 -12.50
C ARG A 245 21.34 -11.91 -13.67
N LEU A 246 21.50 -12.43 -14.89
CA LEU A 246 21.47 -11.59 -16.11
C LEU A 246 20.08 -10.98 -16.26
N ALA A 247 20.05 -9.72 -16.65
CA ALA A 247 18.82 -8.95 -16.85
C ALA A 247 18.94 -8.11 -18.13
N LEU A 248 17.79 -7.72 -18.68
CA LEU A 248 17.67 -6.81 -19.85
C LEU A 248 16.90 -5.56 -19.43
N GLY A 249 17.35 -4.37 -19.82
CA GLY A 249 16.57 -3.16 -19.62
C GLY A 249 16.85 -2.14 -20.70
N LEU A 250 16.04 -1.10 -20.71
CA LEU A 250 16.30 0.16 -21.45
C LEU A 250 16.67 1.21 -20.42
N ASN A 251 17.72 1.97 -20.63
CA ASN A 251 18.09 3.06 -19.69
C ASN A 251 16.94 4.07 -19.62
N GLN A 252 16.26 4.17 -18.48
CA GLN A 252 15.15 5.15 -18.21
C GLN A 252 14.04 4.94 -19.24
N SER A 253 13.79 3.69 -19.65
CA SER A 253 12.56 3.35 -20.39
C SER A 253 12.14 1.91 -20.04
N ASN A 254 11.18 1.36 -20.78
CA ASN A 254 10.48 0.11 -20.45
C ASN A 254 10.80 -0.93 -21.51
N PHE A 255 11.68 -1.88 -21.20
CA PHE A 255 12.13 -2.92 -22.16
C PHE A 255 10.96 -3.78 -22.62
N ILE A 256 10.10 -4.30 -21.72
CA ILE A 256 9.02 -5.24 -22.17
C ILE A 256 7.95 -4.53 -22.99
N GLU A 257 7.78 -3.22 -22.87
CA GLU A 257 6.82 -2.46 -23.73
C GLU A 257 7.38 -2.39 -25.16
N LYS A 258 8.70 -2.43 -25.34
CA LYS A 258 9.34 -2.45 -26.69
C LYS A 258 9.44 -3.88 -27.21
N TRP A 259 9.95 -4.81 -26.40
CA TRP A 259 10.12 -6.24 -26.73
C TRP A 259 9.36 -7.10 -25.74
N PRO A 260 8.06 -7.37 -25.99
CA PRO A 260 7.24 -8.14 -25.06
C PRO A 260 7.81 -9.55 -24.92
N VAL A 261 7.83 -10.00 -23.67
CA VAL A 261 8.37 -11.31 -23.25
C VAL A 261 7.57 -11.66 -22.00
N VAL A 262 7.33 -12.95 -21.74
CA VAL A 262 6.65 -13.38 -20.50
C VAL A 262 7.53 -14.41 -19.81
N PRO A 263 7.30 -14.64 -18.50
CA PRO A 263 8.02 -15.67 -17.78
C PRO A 263 7.90 -17.02 -18.49
N GLY A 264 9.01 -17.74 -18.54
CA GLY A 264 9.13 -19.05 -19.22
C GLY A 264 9.77 -18.91 -20.60
N ASP A 265 9.78 -17.71 -21.19
CA ASP A 265 10.34 -17.48 -22.54
C ASP A 265 11.86 -17.71 -22.52
N SER A 266 12.39 -18.45 -23.50
CA SER A 266 13.83 -18.73 -23.65
C SER A 266 14.62 -17.47 -23.97
N ILE A 267 15.77 -17.33 -23.35
CA ILE A 267 16.80 -16.28 -23.60
C ILE A 267 18.11 -17.03 -23.80
N THR A 268 18.79 -16.80 -24.93
CA THR A 268 20.11 -17.40 -25.22
C THR A 268 21.11 -16.26 -25.38
N VAL A 269 22.26 -16.37 -24.72
CA VAL A 269 23.33 -15.34 -24.74
C VAL A 269 24.58 -15.99 -25.34
N SER A 270 25.15 -15.39 -26.37
CA SER A 270 26.30 -15.96 -27.12
C SER A 270 27.23 -14.83 -27.57
N PRO A 271 28.55 -15.11 -27.71
CA PRO A 271 29.51 -14.06 -28.10
C PRO A 271 29.22 -13.48 -29.48
N GLN B 2 17.59 12.35 18.69
CA GLN B 2 17.28 10.97 18.25
C GLN B 2 16.16 10.94 17.19
N HIS B 3 16.23 9.90 16.38
CA HIS B 3 15.49 9.81 15.10
C HIS B 3 15.00 8.38 14.90
N ASN B 4 13.96 8.03 15.62
CA ASN B 4 13.48 6.63 15.64
CA ASN B 4 13.46 6.63 15.68
C ASN B 4 12.37 6.40 14.60
N LEU B 5 12.00 7.43 13.81
CA LEU B 5 10.93 7.28 12.80
C LEU B 5 11.57 7.45 11.43
N ILE B 6 11.42 6.46 10.58
CA ILE B 6 11.91 6.53 9.17
C ILE B 6 10.68 6.62 8.25
N ALA B 7 10.64 7.66 7.44
CA ALA B 7 9.59 7.91 6.44
C ALA B 7 10.20 7.64 5.06
N PHE B 8 9.63 6.73 4.29
CA PHE B 8 10.32 6.09 3.15
C PHE B 8 9.57 6.32 1.84
N LEU B 9 10.22 6.90 0.84
CA LEU B 9 9.65 7.12 -0.51
C LEU B 9 10.56 6.53 -1.58
N SER B 10 9.95 6.01 -2.64
CA SER B 10 10.68 5.60 -3.84
C SER B 10 9.74 5.48 -5.04
N ASP B 11 10.31 5.03 -6.18
CA ASP B 11 9.58 4.80 -7.45
C ASP B 11 9.52 3.30 -7.74
N VAL B 12 9.74 2.39 -6.76
CA VAL B 12 9.78 0.94 -7.10
C VAL B 12 8.40 0.27 -7.00
N GLY B 13 7.37 1.01 -6.62
CA GLY B 13 6.01 0.49 -6.42
C GLY B 13 5.93 -0.39 -5.18
N SER B 14 4.71 -0.76 -4.82
CA SER B 14 4.44 -1.63 -3.67
C SER B 14 3.75 -2.91 -4.15
N ALA B 15 3.84 -3.22 -5.43
CA ALA B 15 3.19 -4.40 -6.05
C ALA B 15 4.07 -5.66 -5.98
N ASP B 16 5.34 -5.52 -5.64
CA ASP B 16 6.22 -6.69 -5.42
C ASP B 16 7.03 -6.44 -4.16
N GLU B 17 8.01 -7.28 -3.90
CA GLU B 17 8.71 -7.30 -2.58
C GLU B 17 9.78 -6.20 -2.51
N ALA B 18 10.15 -5.53 -3.60
CA ALA B 18 11.39 -4.74 -3.61
C ALA B 18 11.40 -3.67 -2.49
N HIS B 19 10.34 -2.87 -2.38
CA HIS B 19 10.26 -1.84 -1.32
C HIS B 19 10.39 -2.51 0.06
N ALA B 20 9.84 -3.72 0.23
CA ALA B 20 9.86 -4.45 1.51
C ALA B 20 11.26 -4.97 1.85
N LEU B 21 12.05 -5.39 0.87
CA LEU B 21 13.44 -5.83 1.14
C LEU B 21 14.23 -4.66 1.74
N CYS B 22 14.01 -3.44 1.26
CA CYS B 22 14.66 -2.21 1.84
C CYS B 22 14.26 -2.06 3.28
N LYS B 23 12.99 -2.25 3.61
CA LYS B 23 12.55 -2.18 5.01
C LYS B 23 13.19 -3.28 5.83
N GLY B 24 13.29 -4.50 5.30
CA GLY B 24 14.03 -5.57 5.98
C GLY B 24 15.47 -5.15 6.32
N VAL B 25 16.19 -4.60 5.36
CA VAL B 25 17.56 -4.11 5.62
C VAL B 25 17.52 -3.06 6.75
N MET B 26 16.57 -2.14 6.73
CA MET B 26 16.45 -1.06 7.73
C MET B 26 16.14 -1.62 9.12
N TYR B 27 15.22 -2.58 9.24
CA TYR B 27 14.88 -3.23 10.53
C TYR B 27 16.09 -4.01 11.08
N GLY B 28 16.92 -4.57 10.22
CA GLY B 28 18.10 -5.31 10.66
C GLY B 28 19.10 -4.37 11.28
N VAL B 29 19.26 -3.18 10.70
CA VAL B 29 20.19 -2.15 11.24
C VAL B 29 19.59 -1.43 12.44
N ALA B 30 18.30 -1.09 12.39
CA ALA B 30 17.63 -0.28 13.42
C ALA B 30 16.37 -1.00 13.87
N PRO B 31 16.52 -2.07 14.66
CA PRO B 31 15.40 -2.95 14.98
C PRO B 31 14.30 -2.30 15.80
N ALA B 32 14.58 -1.17 16.44
CA ALA B 32 13.58 -0.46 17.25
C ALA B 32 12.90 0.65 16.44
N ALA B 33 13.32 0.89 15.20
CA ALA B 33 12.80 2.00 14.39
C ALA B 33 11.36 1.73 14.02
N THR B 34 10.56 2.80 13.97
CA THR B 34 9.23 2.79 13.33
C THR B 34 9.48 3.15 11.88
N ILE B 35 8.95 2.36 10.94
CA ILE B 35 9.12 2.66 9.51
C ILE B 35 7.74 2.86 8.92
N VAL B 36 7.55 4.00 8.25
CA VAL B 36 6.27 4.29 7.58
C VAL B 36 6.58 4.69 6.13
N ASP B 37 5.83 4.13 5.18
CA ASP B 37 5.92 4.55 3.76
C ASP B 37 5.36 5.95 3.61
N ILE B 38 5.99 6.73 2.75
CA ILE B 38 5.38 7.95 2.20
C ILE B 38 4.56 7.44 0.99
N THR B 39 5.23 7.02 -0.06
CA THR B 39 4.62 6.25 -1.15
C THR B 39 5.76 5.63 -1.95
N HIS B 40 5.48 4.50 -2.63
CA HIS B 40 6.44 3.91 -3.60
C HIS B 40 5.90 4.07 -5.03
N ASP B 41 4.86 4.89 -5.23
CA ASP B 41 4.24 5.00 -6.57
C ASP B 41 4.67 6.25 -7.30
N VAL B 42 5.79 6.85 -6.95
CA VAL B 42 6.39 7.87 -7.84
C VAL B 42 6.55 7.22 -9.23
N ALA B 43 6.21 7.94 -10.28
CA ALA B 43 6.39 7.50 -11.67
C ALA B 43 7.86 7.12 -11.88
N PRO B 44 8.14 6.05 -12.64
CA PRO B 44 9.51 5.58 -12.79
C PRO B 44 10.48 6.66 -13.27
N PHE B 45 11.60 6.79 -12.55
CA PHE B 45 12.72 7.72 -12.86
C PHE B 45 12.30 9.17 -12.68
N ASP B 46 11.08 9.45 -12.19
CA ASP B 46 10.54 10.84 -12.19
C ASP B 46 11.01 11.54 -10.92
N VAL B 47 12.21 12.08 -10.96
CA VAL B 47 12.83 12.76 -9.79
C VAL B 47 11.98 13.96 -9.41
N ARG B 48 11.48 14.74 -10.36
CA ARG B 48 10.63 15.89 -10.07
C ARG B 48 9.34 15.49 -9.34
N GLU B 49 8.67 14.45 -9.78
CA GLU B 49 7.43 14.01 -9.07
C GLU B 49 7.80 13.60 -7.63
N GLY B 50 8.86 12.83 -7.47
CA GLY B 50 9.35 12.48 -6.12
C GLY B 50 9.59 13.72 -5.28
N ALA B 51 10.27 14.70 -5.86
CA ALA B 51 10.61 15.96 -5.15
C ALA B 51 9.32 16.65 -4.70
N LEU B 52 8.28 16.71 -5.56
CA LEU B 52 6.99 17.35 -5.21
C LEU B 52 6.34 16.57 -4.06
N PHE B 53 6.34 15.25 -4.12
CA PHE B 53 5.71 14.40 -3.06
C PHE B 53 6.42 14.59 -1.72
N LEU B 54 7.72 14.89 -1.70
CA LEU B 54 8.45 15.15 -0.43
C LEU B 54 8.24 16.58 0.10
N ALA B 55 7.73 17.52 -0.69
CA ALA B 55 7.75 18.97 -0.35
C ALA B 55 7.17 19.22 1.05
N ASP B 56 6.04 18.59 1.36
CA ASP B 56 5.25 18.86 2.58
C ASP B 56 5.64 17.87 3.69
N VAL B 57 6.53 16.91 3.44
CA VAL B 57 6.91 15.90 4.46
C VAL B 57 7.58 16.56 5.67
N PRO B 58 8.59 17.44 5.53
CA PRO B 58 9.21 18.03 6.71
C PRO B 58 8.20 18.68 7.69
N HIS B 59 7.25 19.42 7.14
CA HIS B 59 6.24 20.15 7.94
C HIS B 59 5.34 19.15 8.67
N SER B 60 4.87 18.09 8.01
CA SER B 60 3.89 17.18 8.65
C SER B 60 4.57 16.20 9.63
N PHE B 61 5.80 15.79 9.38
CA PHE B 61 6.49 14.78 10.22
C PHE B 61 7.22 15.47 11.37
N PRO B 62 7.36 14.78 12.49
CA PRO B 62 8.02 15.37 13.65
C PRO B 62 9.55 15.44 13.50
N ALA B 63 10.18 16.21 14.38
CA ALA B 63 11.64 16.46 14.35
C ALA B 63 12.45 15.15 14.40
N HIS B 64 11.94 14.08 15.00
CA HIS B 64 12.67 12.79 15.16
C HIS B 64 12.54 11.86 13.93
N THR B 65 12.31 12.41 12.75
CA THR B 65 12.13 11.65 11.51
C THR B 65 13.43 11.64 10.70
N VAL B 66 13.72 10.49 10.12
CA VAL B 66 14.67 10.34 9.01
C VAL B 66 13.82 10.19 7.76
N ILE B 67 13.93 11.14 6.84
CA ILE B 67 13.25 11.10 5.51
C ILE B 67 14.19 10.37 4.58
N CYS B 68 13.81 9.15 4.20
CA CYS B 68 14.59 8.23 3.35
C CYS B 68 13.93 8.16 1.98
N ALA B 69 14.58 8.67 0.93
CA ALA B 69 13.89 8.77 -0.38
C ALA B 69 14.83 8.41 -1.51
N TYR B 70 14.40 7.57 -2.44
CA TYR B 70 15.20 7.41 -3.68
C TYR B 70 14.30 7.25 -4.89
N VAL B 71 14.67 8.01 -5.90
CA VAL B 71 14.32 7.86 -7.33
C VAL B 71 15.69 8.02 -8.01
N TYR B 72 16.30 6.92 -8.42
CA TYR B 72 17.77 6.86 -8.57
C TYR B 72 18.16 6.18 -9.87
N PRO B 73 17.75 6.71 -11.03
CA PRO B 73 18.17 6.16 -12.31
C PRO B 73 19.70 6.27 -12.52
N GLU B 74 20.39 7.10 -11.72
CA GLU B 74 21.86 7.26 -11.74
C GLU B 74 22.53 6.23 -10.84
N THR B 75 21.81 5.22 -10.34
CA THR B 75 22.38 4.20 -9.43
C THR B 75 23.62 3.58 -10.10
N GLY B 76 24.68 3.38 -9.33
CA GLY B 76 25.90 2.69 -9.79
C GLY B 76 26.83 3.62 -10.56
N THR B 77 26.63 4.93 -10.49
CA THR B 77 27.45 5.95 -11.20
C THR B 77 28.08 6.88 -10.16
N ALA B 78 28.67 8.00 -10.60
CA ALA B 78 29.31 8.96 -9.69
C ALA B 78 28.27 9.90 -9.04
N THR B 79 26.96 9.75 -9.28
CA THR B 79 25.90 10.52 -8.57
C THR B 79 25.77 9.94 -7.16
N HIS B 80 26.28 10.67 -6.17
CA HIS B 80 26.38 10.19 -4.79
C HIS B 80 25.03 10.30 -4.08
N THR B 81 24.87 9.54 -3.01
CA THR B 81 23.82 9.75 -2.01
C THR B 81 24.33 10.83 -1.05
N ILE B 82 23.42 11.64 -0.52
CA ILE B 82 23.71 12.66 0.50
C ILE B 82 22.82 12.44 1.72
N ALA B 83 23.31 12.93 2.86
CA ALA B 83 22.58 12.93 4.14
C ALA B 83 22.65 14.34 4.69
N VAL B 84 21.49 14.87 5.09
CA VAL B 84 21.32 16.27 5.45
C VAL B 84 20.60 16.37 6.78
N ARG B 85 21.00 17.31 7.64
CA ARG B 85 20.18 17.76 8.78
C ARG B 85 19.51 19.06 8.37
N ASN B 86 18.19 19.15 8.50
CA ASN B 86 17.47 20.38 8.16
C ASN B 86 17.29 21.24 9.42
N GLU B 87 16.73 22.43 9.23
CA GLU B 87 16.48 23.44 10.30
C GLU B 87 15.47 22.92 11.33
N LYS B 88 14.57 22.01 10.96
CA LYS B 88 13.65 21.38 11.95
C LYS B 88 14.38 20.33 12.82
N GLY B 89 15.58 19.88 12.40
CA GLY B 89 16.32 18.85 13.12
C GLY B 89 16.05 17.45 12.60
N GLN B 90 15.32 17.32 11.47
CA GLN B 90 15.13 16.04 10.77
C GLN B 90 16.41 15.70 10.02
N LEU B 91 16.55 14.44 9.68
CA LEU B 91 17.62 13.94 8.78
C LEU B 91 16.96 13.51 7.48
N LEU B 92 17.65 13.71 6.37
CA LEU B 92 17.15 13.35 5.03
C LEU B 92 18.27 12.60 4.33
N VAL B 93 17.92 11.53 3.66
CA VAL B 93 18.91 10.73 2.88
C VAL B 93 18.33 10.48 1.50
N GLY B 94 19.10 10.78 0.46
CA GLY B 94 18.69 10.45 -0.89
C GLY B 94 19.78 10.73 -1.89
N PRO B 95 19.53 10.34 -3.16
CA PRO B 95 20.47 10.65 -4.23
C PRO B 95 20.60 12.17 -4.39
N ASN B 96 21.81 12.63 -4.70
CA ASN B 96 22.07 14.07 -4.98
C ASN B 96 21.73 14.35 -6.46
N ASN B 97 20.46 14.28 -6.80
CA ASN B 97 19.97 14.41 -8.20
C ASN B 97 18.79 15.37 -8.27
N GLY B 98 18.55 16.12 -7.20
CA GLY B 98 17.44 17.08 -7.10
C GLY B 98 16.27 16.56 -6.29
N LEU B 99 16.26 15.26 -5.95
CA LEU B 99 15.06 14.65 -5.27
C LEU B 99 14.65 15.42 -4.02
N LEU B 100 15.60 15.88 -3.20
CA LEU B 100 15.31 16.51 -1.90
C LEU B 100 15.00 18.01 -2.05
N SER B 101 15.01 18.57 -3.27
CA SER B 101 14.97 20.04 -3.51
C SER B 101 13.84 20.74 -2.75
N PHE B 102 12.60 20.24 -2.87
CA PHE B 102 11.41 20.98 -2.37
C PHE B 102 11.23 20.75 -0.87
N ALA B 103 11.63 19.58 -0.35
CA ALA B 103 11.74 19.32 1.09
C ALA B 103 12.74 20.31 1.70
N LEU B 104 13.86 20.57 1.03
CA LEU B 104 14.87 21.50 1.58
C LEU B 104 14.36 22.94 1.42
N ASP B 105 13.59 23.26 0.40
CA ASP B 105 12.96 24.62 0.31
C ASP B 105 12.09 24.83 1.56
N ALA B 106 11.36 23.80 2.00
CA ALA B 106 10.46 23.93 3.18
C ALA B 106 11.27 24.08 4.46
N SER B 107 12.35 23.33 4.63
CA SER B 107 13.21 23.36 5.84
C SER B 107 14.66 23.23 5.39
N PRO B 108 15.41 24.36 5.34
CA PRO B 108 16.73 24.35 4.70
C PRO B 108 17.74 23.39 5.33
N ALA B 109 18.71 23.01 4.52
CA ALA B 109 19.90 22.24 4.94
C ALA B 109 20.68 23.05 5.97
N VAL B 110 21.09 22.42 7.05
CA VAL B 110 22.04 23.04 8.01
C VAL B 110 23.41 22.35 7.85
N GLU B 111 23.46 21.04 7.79
CA GLU B 111 24.71 20.24 7.65
C GLU B 111 24.45 19.18 6.59
N CYS B 112 25.38 19.00 5.65
CA CYS B 112 25.21 18.11 4.48
C CYS B 112 26.48 17.29 4.33
N HIS B 113 26.35 15.99 4.13
CA HIS B 113 27.49 15.07 3.88
C HIS B 113 27.19 14.21 2.66
N GLU B 114 28.22 13.82 1.93
CA GLU B 114 28.12 12.71 0.96
C GLU B 114 28.22 11.39 1.73
N VAL B 115 27.44 10.40 1.31
CA VAL B 115 27.44 9.07 1.97
C VAL B 115 28.50 8.23 1.28
N LEU B 116 29.68 8.12 1.89
CA LEU B 116 30.82 7.40 1.25
C LEU B 116 31.35 6.31 2.19
N SER B 117 31.06 6.33 3.48
CA SER B 117 31.61 5.35 4.46
C SER B 117 30.97 3.97 4.24
N PRO B 118 31.77 2.90 4.03
CA PRO B 118 31.21 1.56 3.85
C PRO B 118 30.41 1.06 5.05
N ASP B 119 30.70 1.59 6.23
CA ASP B 119 30.08 1.15 7.51
C ASP B 119 28.62 1.62 7.62
N VAL B 120 28.14 2.51 6.75
CA VAL B 120 26.71 2.90 6.76
C VAL B 120 26.01 2.33 5.53
N MET B 121 26.66 1.44 4.78
CA MET B 121 26.10 0.80 3.58
C MET B 121 25.82 -0.67 3.86
N ASN B 122 24.92 -1.24 3.09
CA ASN B 122 24.66 -2.70 3.09
C ASN B 122 25.62 -3.36 2.10
N GLN B 123 26.59 -4.14 2.61
CA GLN B 123 27.71 -4.73 1.81
C GLN B 123 27.36 -6.15 1.39
N PRO B 124 27.73 -6.57 0.17
CA PRO B 124 28.32 -5.67 -0.84
C PRO B 124 27.25 -4.82 -1.53
N VAL B 125 27.60 -3.60 -1.92
CA VAL B 125 26.66 -2.64 -2.55
C VAL B 125 26.41 -3.07 -4.00
N THR B 126 25.17 -3.35 -4.37
CA THR B 126 24.85 -3.77 -5.76
C THR B 126 24.70 -2.52 -6.62
N PRO B 127 25.35 -2.47 -7.80
CA PRO B 127 25.30 -1.27 -8.65
C PRO B 127 23.91 -0.79 -9.05
N THR B 128 22.95 -1.68 -9.23
CA THR B 128 21.62 -1.32 -9.74
C THR B 128 20.65 -1.06 -8.59
N TRP B 129 21.10 -1.06 -7.34
CA TRP B 129 20.16 -0.75 -6.23
C TRP B 129 20.84 0.00 -5.10
N TYR B 130 21.44 1.15 -5.42
CA TYR B 130 21.95 2.07 -4.40
C TYR B 130 20.82 2.47 -3.45
N GLY B 131 19.56 2.45 -3.94
CA GLY B 131 18.39 2.81 -3.10
C GLY B 131 18.37 1.93 -1.87
N LYS B 132 18.62 0.64 -2.04
CA LYS B 132 18.61 -0.30 -0.89
C LYS B 132 19.95 -0.22 -0.15
N ASP B 133 21.06 -0.35 -0.86
CA ASP B 133 22.36 -0.63 -0.19
C ASP B 133 23.05 0.63 0.33
N ILE B 134 22.67 1.83 -0.16
CA ILE B 134 23.22 3.10 0.35
C ILE B 134 22.13 3.93 1.01
N VAL B 135 21.07 4.27 0.28
CA VAL B 135 20.05 5.21 0.81
C VAL B 135 19.32 4.58 2.02
N ALA B 136 18.68 3.43 1.88
CA ALA B 136 17.92 2.79 2.99
C ALA B 136 18.87 2.39 4.12
N ALA B 137 20.00 1.76 3.79
CA ALA B 137 20.98 1.35 4.81
C ALA B 137 21.43 2.56 5.63
N CYS B 138 21.81 3.66 4.99
CA CYS B 138 22.34 4.87 5.69
C CYS B 138 21.23 5.48 6.55
N ALA B 139 20.02 5.59 6.03
CA ALA B 139 18.87 6.08 6.82
C ALA B 139 18.72 5.29 8.12
N ALA B 140 18.84 3.95 8.02
CA ALA B 140 18.68 3.07 9.18
C ALA B 140 19.84 3.28 10.17
N HIS B 141 21.08 3.40 9.69
CA HIS B 141 22.25 3.67 10.58
C HIS B 141 22.02 4.99 11.33
N LEU B 142 21.50 6.04 10.66
CA LEU B 142 21.18 7.32 11.33
C LEU B 142 20.07 7.11 12.35
N ALA B 143 19.04 6.33 12.04
CA ALA B 143 17.96 6.01 13.00
C ALA B 143 18.49 5.16 14.17
N ALA B 144 19.55 4.39 13.99
CA ALA B 144 20.16 3.59 15.08
C ALA B 144 21.14 4.45 15.91
N GLY B 145 21.36 5.71 15.56
CA GLY B 145 22.16 6.67 16.35
C GLY B 145 23.55 6.92 15.78
N THR B 146 23.89 6.44 14.58
CA THR B 146 25.14 6.85 13.89
C THR B 146 25.14 8.37 13.73
N ASP B 147 26.24 9.04 14.08
CA ASP B 147 26.32 10.51 13.90
C ASP B 147 26.34 10.83 12.41
N LEU B 148 25.68 11.91 12.03
CA LEU B 148 25.64 12.32 10.62
C LEU B 148 27.08 12.44 10.07
N ALA B 149 28.03 12.98 10.86
CA ALA B 149 29.40 13.26 10.39
C ALA B 149 30.13 11.97 10.00
N ALA B 150 29.74 10.82 10.54
CA ALA B 150 30.38 9.51 10.22
C ALA B 150 29.97 8.96 8.85
N VAL B 151 28.99 9.54 8.13
CA VAL B 151 28.54 8.91 6.86
C VAL B 151 29.54 9.20 5.76
N GLY B 152 30.33 10.26 5.90
CA GLY B 152 31.24 10.66 4.81
C GLY B 152 31.54 12.14 4.89
N PRO B 153 32.22 12.70 3.87
CA PRO B 153 32.71 14.07 3.95
C PRO B 153 31.59 15.11 3.85
N ARG B 154 31.83 16.22 4.54
CA ARG B 154 30.97 17.39 4.53
C ARG B 154 30.99 18.04 3.13
N ILE B 155 29.83 18.50 2.68
CA ILE B 155 29.75 19.33 1.44
C ILE B 155 29.02 20.63 1.77
N ASP B 156 29.21 21.65 0.95
CA ASP B 156 28.46 22.92 1.09
C ASP B 156 27.03 22.69 0.61
N PRO B 157 26.04 23.39 1.20
CA PRO B 157 24.65 23.30 0.72
C PRO B 157 24.50 23.56 -0.79
N LYS B 158 25.32 24.43 -1.38
CA LYS B 158 25.23 24.71 -2.84
C LYS B 158 25.64 23.49 -3.69
N GLN B 159 26.29 22.48 -3.12
CA GLN B 159 26.65 21.25 -3.88
C GLN B 159 25.45 20.29 -3.92
N ILE B 160 24.35 20.60 -3.22
CA ILE B 160 23.08 19.84 -3.38
C ILE B 160 22.42 20.30 -4.68
N VAL B 161 22.28 19.40 -5.65
CA VAL B 161 21.58 19.65 -6.94
C VAL B 161 20.13 20.09 -6.65
N ARG B 162 19.67 21.19 -7.25
CA ARG B 162 18.30 21.69 -7.00
C ARG B 162 17.52 21.74 -8.31
N LEU B 163 16.28 21.29 -8.25
CA LEU B 163 15.35 21.39 -9.38
C LEU B 163 14.77 22.80 -9.37
N PRO B 164 14.70 23.46 -10.53
CA PRO B 164 14.03 24.77 -10.62
C PRO B 164 12.53 24.62 -10.30
N TYR B 165 11.96 25.62 -9.67
CA TYR B 165 10.52 25.64 -9.32
C TYR B 165 9.98 27.01 -9.68
N ALA B 166 9.05 27.05 -10.63
CA ALA B 166 8.40 28.24 -11.19
C ALA B 166 7.66 29.00 -10.09
N SER B 167 7.82 30.32 -10.08
CA SER B 167 7.14 31.26 -9.17
CA SER B 167 7.12 31.24 -9.16
C SER B 167 5.98 31.90 -9.93
N ALA B 168 4.81 32.03 -9.30
CA ALA B 168 3.70 32.80 -9.92
C ALA B 168 4.07 34.27 -9.87
N SER B 169 3.57 35.10 -10.78
CA SER B 169 3.84 36.55 -10.73
C SER B 169 2.61 37.37 -11.16
N GLU B 170 2.63 38.64 -10.75
CA GLU B 170 1.69 39.70 -11.21
C GLU B 170 2.03 40.01 -12.67
N VAL B 171 1.02 40.05 -13.53
CA VAL B 171 1.10 40.56 -14.92
C VAL B 171 -0.01 41.62 -15.07
N GLU B 172 -0.10 42.27 -16.24
CA GLU B 172 -1.20 43.21 -16.59
C GLU B 172 -2.53 42.58 -16.15
N GLY B 173 -3.08 43.05 -15.02
CA GLY B 173 -4.47 42.82 -14.58
C GLY B 173 -4.72 41.43 -14.00
N GLY B 174 -3.70 40.78 -13.42
CA GLY B 174 -3.92 39.46 -12.79
C GLY B 174 -2.65 38.73 -12.39
N ILE B 175 -2.78 37.42 -12.19
CA ILE B 175 -1.66 36.54 -11.74
C ILE B 175 -1.47 35.41 -12.75
N ARG B 176 -0.24 35.26 -13.26
CA ARG B 176 0.16 34.19 -14.18
C ARG B 176 0.89 33.15 -13.34
N GLY B 177 0.32 31.95 -13.28
CA GLY B 177 0.97 30.81 -12.63
C GLY B 177 0.93 29.63 -13.55
N GLU B 178 1.10 28.45 -12.98
CA GLU B 178 0.99 27.21 -13.77
C GLU B 178 0.54 26.06 -12.89
N VAL B 179 0.13 25.01 -13.56
CA VAL B 179 -0.23 23.72 -12.92
C VAL B 179 1.06 23.08 -12.42
N VAL B 180 1.12 22.77 -11.14
CA VAL B 180 2.28 22.06 -10.51
C VAL B 180 2.00 20.56 -10.53
N ARG B 181 0.81 20.15 -10.08
CA ARG B 181 0.50 18.71 -9.98
C ARG B 181 -1.02 18.51 -9.93
N ILE B 182 -1.42 17.30 -10.22
CA ILE B 182 -2.83 16.86 -10.13
C ILE B 182 -2.97 16.08 -8.82
N ASP B 183 -4.01 16.40 -8.07
CA ASP B 183 -4.47 15.63 -6.90
C ASP B 183 -5.22 14.42 -7.46
N ARG B 184 -4.50 13.37 -7.86
CA ARG B 184 -5.03 12.40 -8.84
C ARG B 184 -6.16 11.54 -8.26
N ALA B 185 -6.24 11.33 -6.95
CA ALA B 185 -7.35 10.50 -6.39
C ALA B 185 -8.69 11.17 -6.72
N PHE B 186 -8.70 12.49 -6.83
CA PHE B 186 -9.96 13.28 -6.96
C PHE B 186 -10.06 14.02 -8.31
N GLY B 187 -8.95 14.29 -8.98
CA GLY B 187 -8.88 15.11 -10.20
C GLY B 187 -8.76 16.60 -9.96
N ASN B 188 -8.44 17.03 -8.73
CA ASN B 188 -8.26 18.47 -8.44
C ASN B 188 -6.93 18.93 -9.06
N VAL B 189 -6.88 20.18 -9.48
CA VAL B 189 -5.68 20.80 -10.11
C VAL B 189 -5.01 21.74 -9.12
N TRP B 190 -3.71 21.55 -8.86
CA TRP B 190 -2.95 22.37 -7.92
C TRP B 190 -1.97 23.27 -8.69
N THR B 191 -2.01 24.57 -8.40
CA THR B 191 -1.16 25.58 -9.07
C THR B 191 -0.05 26.02 -8.13
N ASN B 192 0.80 26.94 -8.60
CA ASN B 192 1.90 27.54 -7.81
C ASN B 192 1.49 28.93 -7.35
N ILE B 193 0.20 29.28 -7.40
CA ILE B 193 -0.27 30.62 -6.98
C ILE B 193 -0.53 30.63 -5.48
N PRO B 194 0.26 31.40 -4.69
CA PRO B 194 0.07 31.46 -3.24
C PRO B 194 -1.09 32.34 -2.80
N THR B 195 -1.59 32.02 -1.60
CA THR B 195 -2.65 32.74 -0.86
C THR B 195 -2.51 34.25 -1.04
N HIS B 196 -1.33 34.81 -0.77
CA HIS B 196 -1.18 36.29 -0.67
C HIS B 196 -1.48 36.96 -2.01
N LEU B 197 -1.23 36.31 -3.15
CA LEU B 197 -1.45 36.95 -4.48
C LEU B 197 -2.94 37.04 -4.79
N ILE B 198 -3.79 36.15 -4.26
CA ILE B 198 -5.25 36.17 -4.61
C ILE B 198 -6.02 37.00 -3.58
N GLY B 199 -5.47 37.19 -2.37
CA GLY B 199 -6.03 38.10 -1.35
C GLY B 199 -6.17 39.51 -1.93
N SER B 200 -5.15 39.96 -2.67
CA SER B 200 -5.04 41.30 -3.32
C SER B 200 -6.25 41.56 -4.21
N MET B 201 -6.79 40.48 -4.80
CA MET B 201 -7.57 40.46 -6.06
C MET B 201 -9.07 40.31 -5.77
N LEU B 202 -9.44 39.85 -4.57
CA LEU B 202 -10.84 39.49 -4.22
C LEU B 202 -11.62 40.78 -3.88
N GLN B 203 -12.84 40.91 -4.43
CA GLN B 203 -13.85 41.96 -4.09
C GLN B 203 -15.05 41.31 -3.38
N GLU B 206 -16.85 37.38 -4.37
CA GLU B 206 -15.67 36.47 -4.40
C GLU B 206 -15.65 35.65 -5.71
N ARG B 207 -15.74 36.28 -6.88
CA ARG B 207 -15.80 35.62 -8.21
C ARG B 207 -14.56 35.99 -9.03
N LEU B 208 -13.88 35.03 -9.65
CA LEU B 208 -12.64 35.26 -10.45
C LEU B 208 -12.80 34.65 -11.85
N GLU B 209 -11.94 35.07 -12.77
CA GLU B 209 -11.84 34.55 -14.16
C GLU B 209 -10.52 33.77 -14.24
N VAL B 210 -10.56 32.55 -14.75
CA VAL B 210 -9.35 31.71 -14.95
C VAL B 210 -9.19 31.45 -16.44
N LYS B 211 -8.00 31.72 -17.00
CA LYS B 211 -7.61 31.34 -18.38
C LYS B 211 -6.64 30.15 -18.30
N ILE B 212 -7.06 29.02 -18.84
CA ILE B 212 -6.31 27.74 -18.83
C ILE B 212 -5.75 27.52 -20.24
N GLU B 213 -4.40 27.41 -20.32
CA GLU B 213 -3.55 26.83 -21.39
C GLU B 213 -4.30 26.02 -22.46
N ALA B 214 -4.08 24.70 -22.52
CA ALA B 214 -4.21 23.88 -23.76
C ALA B 214 -4.72 22.48 -23.42
N THR B 218 -9.14 27.66 -22.54
CA THR B 218 -10.47 27.71 -21.89
C THR B 218 -10.54 28.91 -20.92
N VAL B 219 -11.62 29.69 -20.98
CA VAL B 219 -11.93 30.71 -19.93
C VAL B 219 -13.06 30.19 -19.03
N LEU B 220 -12.84 30.14 -17.71
CA LEU B 220 -13.94 29.82 -16.75
C LEU B 220 -14.13 31.02 -15.83
N GLU B 221 -15.37 31.33 -15.48
CA GLU B 221 -15.71 32.32 -14.43
C GLU B 221 -16.15 31.50 -13.21
N LEU B 222 -15.33 31.50 -12.16
CA LEU B 222 -15.44 30.55 -11.03
C LEU B 222 -15.58 31.32 -9.74
N PRO B 223 -16.39 30.76 -8.80
CA PRO B 223 -16.46 31.31 -7.47
C PRO B 223 -15.18 30.88 -6.73
N PHE B 224 -14.63 31.78 -5.95
CA PHE B 224 -13.55 31.48 -4.98
C PHE B 224 -14.20 31.08 -3.66
N CYS B 225 -14.00 29.82 -3.25
CA CYS B 225 -14.66 29.16 -2.11
C CYS B 225 -13.61 28.72 -1.09
N LYS B 226 -14.07 28.51 0.14
CA LYS B 226 -13.22 27.95 1.22
C LYS B 226 -13.13 26.43 1.01
N THR B 227 -14.21 25.81 0.54
CA THR B 227 -14.24 24.34 0.42
C THR B 227 -15.21 23.87 -0.65
N PHE B 228 -15.14 22.57 -0.94
CA PHE B 228 -15.85 21.90 -2.06
C PHE B 228 -17.36 22.11 -1.94
N GLY B 229 -17.93 21.88 -0.76
CA GLY B 229 -19.40 21.84 -0.55
C GLY B 229 -20.04 23.21 -0.67
N GLU B 230 -19.32 24.28 -0.98
CA GLU B 230 -19.92 25.65 -1.09
C GLU B 230 -20.66 25.82 -2.42
N VAL B 231 -20.42 24.95 -3.39
CA VAL B 231 -21.17 24.92 -4.69
C VAL B 231 -21.91 23.60 -4.76
N ASP B 232 -22.85 23.48 -5.70
CA ASP B 232 -23.62 22.23 -5.85
C ASP B 232 -22.72 21.12 -6.40
N GLU B 233 -23.11 19.88 -6.15
CA GLU B 233 -22.34 18.73 -6.65
C GLU B 233 -22.16 18.85 -8.17
N GLY B 234 -20.95 18.60 -8.64
CA GLY B 234 -20.59 18.62 -10.07
C GLY B 234 -20.20 20.00 -10.53
N GLN B 235 -20.29 21.03 -9.69
CA GLN B 235 -20.00 22.41 -10.12
C GLN B 235 -18.53 22.72 -9.82
N PRO B 236 -17.91 23.61 -10.65
CA PRO B 236 -16.51 23.98 -10.47
C PRO B 236 -16.30 25.09 -9.44
N LEU B 237 -15.12 25.07 -8.82
CA LEU B 237 -14.70 26.07 -7.83
C LEU B 237 -13.20 26.30 -7.90
N LEU B 238 -12.83 27.52 -7.51
CA LEU B 238 -11.44 27.87 -7.09
C LEU B 238 -11.38 27.82 -5.58
N TYR B 239 -10.25 27.36 -5.01
CA TYR B 239 -10.05 27.32 -3.55
C TYR B 239 -8.56 27.35 -3.26
N LEU B 240 -8.21 27.71 -2.03
CA LEU B 240 -6.82 27.51 -1.54
C LEU B 240 -6.73 26.12 -0.97
N ASN B 241 -5.74 25.36 -1.43
CA ASN B 241 -5.61 23.93 -1.06
C ASN B 241 -4.95 23.89 0.32
N SER B 242 -4.80 22.69 0.84
CA SER B 242 -4.15 22.40 2.14
C SER B 242 -2.70 22.89 2.20
N ARG B 243 -2.08 23.22 1.07
CA ARG B 243 -0.65 23.63 1.01
C ARG B 243 -0.56 25.16 0.80
N GLY B 244 -1.68 25.89 0.86
CA GLY B 244 -1.74 27.36 0.69
C GLY B 244 -1.61 27.82 -0.76
N ARG B 245 -1.96 26.99 -1.74
CA ARG B 245 -1.91 27.32 -3.17
C ARG B 245 -3.28 27.26 -3.84
N LEU B 246 -3.48 28.08 -4.88
CA LEU B 246 -4.76 28.08 -5.62
C LEU B 246 -4.93 26.73 -6.29
N ALA B 247 -6.15 26.22 -6.23
CA ALA B 247 -6.53 24.94 -6.83
C ALA B 247 -7.87 25.08 -7.56
N LEU B 248 -8.13 24.15 -8.47
CA LEU B 248 -9.41 24.01 -9.20
C LEU B 248 -9.97 22.63 -8.92
N GLY B 249 -11.28 22.55 -8.68
CA GLY B 249 -11.96 21.27 -8.50
C GLY B 249 -13.39 21.36 -8.96
N LEU B 250 -14.02 20.19 -9.04
CA LEU B 250 -15.48 20.02 -9.13
C LEU B 250 -15.90 19.44 -7.78
N ASN B 251 -16.99 19.94 -7.22
CA ASN B 251 -17.52 19.37 -5.96
C ASN B 251 -17.99 17.93 -6.21
N GLN B 252 -17.31 16.94 -5.64
CA GLN B 252 -17.67 15.48 -5.74
C GLN B 252 -17.66 15.06 -7.21
N SER B 253 -16.75 15.62 -7.99
CA SER B 253 -16.43 15.06 -9.32
C SER B 253 -14.96 15.30 -9.63
N ASN B 254 -14.58 15.00 -10.87
CA ASN B 254 -13.16 14.99 -11.31
C ASN B 254 -12.95 16.13 -12.31
N PHE B 255 -12.29 17.20 -11.88
CA PHE B 255 -12.04 18.38 -12.72
C PHE B 255 -11.20 18.00 -13.96
N ILE B 256 -10.09 17.28 -13.83
CA ILE B 256 -9.20 17.01 -15.02
C ILE B 256 -9.86 16.07 -16.02
N GLU B 257 -10.83 15.25 -15.62
CA GLU B 257 -11.58 14.40 -16.59
C GLU B 257 -12.47 15.30 -17.45
N LYS B 258 -12.93 16.45 -16.95
CA LYS B 258 -13.78 17.39 -17.72
C LYS B 258 -12.88 18.35 -18.50
N TRP B 259 -11.90 18.96 -17.85
CA TRP B 259 -10.92 19.92 -18.44
C TRP B 259 -9.51 19.37 -18.27
N PRO B 260 -9.01 18.57 -19.21
CA PRO B 260 -7.68 17.99 -19.10
C PRO B 260 -6.64 19.11 -19.11
N VAL B 261 -5.70 18.99 -18.20
CA VAL B 261 -4.61 19.96 -17.96
C VAL B 261 -3.46 19.10 -17.47
N VAL B 262 -2.25 19.46 -17.84
CA VAL B 262 -1.05 18.71 -17.38
C VAL B 262 -0.11 19.70 -16.70
N PRO B 263 0.78 19.18 -15.83
CA PRO B 263 1.77 20.01 -15.17
C PRO B 263 2.55 20.85 -16.19
N GLY B 264 2.75 22.13 -15.89
CA GLY B 264 3.41 23.10 -16.78
C GLY B 264 2.45 23.96 -17.57
N ASP B 265 1.18 23.58 -17.69
CA ASP B 265 0.13 24.40 -18.36
C ASP B 265 -0.09 25.72 -17.60
N SER B 266 -0.12 26.86 -18.30
CA SER B 266 -0.36 28.19 -17.71
C SER B 266 -1.79 28.31 -17.21
N ILE B 267 -1.93 28.95 -16.06
CA ILE B 267 -3.23 29.35 -15.44
C ILE B 267 -3.09 30.84 -15.15
N THR B 268 -4.00 31.67 -15.69
CA THR B 268 -4.04 33.11 -15.38
C THR B 268 -5.35 33.41 -14.63
N VAL B 269 -5.24 34.06 -13.50
CA VAL B 269 -6.39 34.42 -12.63
C VAL B 269 -6.53 35.95 -12.64
N SER B 270 -7.71 36.44 -12.98
CA SER B 270 -8.00 37.89 -13.03
C SER B 270 -9.35 38.16 -12.39
N PRO B 271 -9.55 39.36 -11.81
CA PRO B 271 -10.86 39.71 -11.24
C PRO B 271 -11.97 39.66 -12.31
N ARG B 272 -13.23 39.53 -11.86
CA ARG B 272 -14.43 39.58 -12.74
C ARG B 272 -14.63 41.01 -13.24
N GLN C 2 -6.11 2.03 27.55
CA GLN C 2 -4.96 2.27 26.61
C GLN C 2 -5.43 1.97 25.18
N HIS C 3 -5.08 2.84 24.24
CA HIS C 3 -5.45 2.68 22.81
C HIS C 3 -4.26 3.07 21.95
N ASN C 4 -3.23 2.29 22.04
CA ASN C 4 -2.04 2.64 21.23
CA ASN C 4 -2.00 2.56 21.25
C ASN C 4 -1.90 2.11 19.76
N LEU C 5 -3.02 1.53 19.32
CA LEU C 5 -3.07 1.00 17.93
C LEU C 5 -4.06 1.86 17.16
N ILE C 6 -3.61 2.51 16.10
CA ILE C 6 -4.48 3.32 15.22
C ILE C 6 -4.64 2.56 13.90
N ALA C 7 -5.87 2.28 13.53
CA ALA C 7 -6.24 1.62 12.25
C ALA C 7 -6.88 2.68 11.37
N PHE C 8 -6.33 2.93 10.20
CA PHE C 8 -6.56 4.18 9.42
C PHE C 8 -7.18 3.88 8.06
N LEU C 9 -8.34 4.46 7.76
CA LEU C 9 -9.01 4.32 6.45
C LEU C 9 -9.30 5.69 5.86
N SER C 10 -9.19 5.80 4.55
CA SER C 10 -9.64 7.00 3.80
C SER C 10 -9.87 6.67 2.31
N ASP C 11 -10.26 7.69 1.56
CA ASP C 11 -10.43 7.64 0.09
C ASP C 11 -9.31 8.44 -0.59
N VAL C 12 -8.19 8.77 0.04
CA VAL C 12 -7.15 9.62 -0.62
C VAL C 12 -6.16 8.81 -1.45
N GLY C 13 -6.25 7.48 -1.43
CA GLY C 13 -5.29 6.61 -2.10
C GLY C 13 -3.96 6.55 -1.39
N SER C 14 -3.10 5.66 -1.85
CA SER C 14 -1.74 5.50 -1.29
C SER C 14 -0.70 5.72 -2.40
N ALA C 15 -1.12 6.36 -3.48
CA ALA C 15 -0.23 6.59 -4.66
C ALA C 15 0.49 7.94 -4.56
N ASP C 16 0.16 8.79 -3.58
CA ASP C 16 0.92 10.01 -3.32
C ASP C 16 1.13 10.14 -1.81
N GLU C 17 1.65 11.28 -1.37
CA GLU C 17 2.06 11.47 0.05
C GLU C 17 0.87 11.76 0.98
N ALA C 18 -0.33 12.07 0.47
CA ALA C 18 -1.38 12.63 1.36
C ALA C 18 -1.66 11.74 2.57
N HIS C 19 -1.91 10.46 2.38
CA HIS C 19 -2.24 9.52 3.49
C HIS C 19 -1.06 9.51 4.48
N ALA C 20 0.18 9.64 4.00
CA ALA C 20 1.38 9.62 4.83
C ALA C 20 1.55 10.93 5.65
N LEU C 21 1.16 12.08 5.10
CA LEU C 21 1.23 13.36 5.88
C LEU C 21 0.32 13.22 7.11
N CYS C 22 -0.83 12.55 6.95
CA CYS C 22 -1.75 12.27 8.09
C CYS C 22 -1.00 11.44 9.13
N LYS C 23 -0.25 10.44 8.68
CA LYS C 23 0.52 9.59 9.65
C LYS C 23 1.63 10.41 10.31
N GLY C 24 2.26 11.33 9.58
CA GLY C 24 3.25 12.25 10.17
C GLY C 24 2.61 13.06 11.30
N VAL C 25 1.45 13.63 11.05
CA VAL C 25 0.73 14.38 12.10
C VAL C 25 0.47 13.46 13.30
N MET C 26 0.02 12.23 13.06
CA MET C 26 -0.34 11.28 14.15
C MET C 26 0.90 10.89 14.96
N TYR C 27 2.02 10.59 14.31
CA TYR C 27 3.30 10.24 15.01
C TYR C 27 3.80 11.43 15.82
N GLY C 28 3.57 12.67 15.36
CA GLY C 28 4.03 13.85 16.10
C GLY C 28 3.27 13.97 17.40
N VAL C 29 1.97 13.68 17.37
CA VAL C 29 1.09 13.70 18.58
C VAL C 29 1.34 12.49 19.46
N ALA C 30 1.47 11.29 18.88
CA ALA C 30 1.49 10.00 19.59
C ALA C 30 2.67 9.21 19.08
N PRO C 31 3.90 9.61 19.47
CA PRO C 31 5.10 9.05 18.86
C PRO C 31 5.31 7.56 19.17
N ALA C 32 4.64 7.03 20.18
CA ALA C 32 4.71 5.61 20.57
C ALA C 32 3.59 4.78 19.91
N ALA C 33 2.67 5.40 19.17
CA ALA C 33 1.49 4.69 18.60
C ALA C 33 1.96 3.76 17.48
N THR C 34 1.29 2.62 17.35
CA THR C 34 1.41 1.78 16.15
C THR C 34 0.32 2.25 15.20
N ILE C 35 0.67 2.52 13.96
CA ILE C 35 -0.33 2.96 12.95
C ILE C 35 -0.35 1.93 11.83
N VAL C 36 -1.52 1.41 11.55
CA VAL C 36 -1.70 0.39 10.48
C VAL C 36 -2.83 0.85 9.57
N ASP C 37 -2.61 0.79 8.25
CA ASP C 37 -3.66 1.15 7.28
C ASP C 37 -4.73 0.07 7.25
N ILE C 38 -5.96 0.47 7.14
CA ILE C 38 -7.05 -0.45 6.72
C ILE C 38 -7.02 -0.45 5.20
N THR C 39 -7.38 0.64 4.57
CA THR C 39 -7.11 0.89 3.15
C THR C 39 -7.29 2.38 2.90
N HIS C 40 -6.62 2.91 1.87
CA HIS C 40 -6.88 4.29 1.40
C HIS C 40 -7.53 4.26 0.02
N ASP C 41 -7.98 3.09 -0.43
CA ASP C 41 -8.51 2.96 -1.82
C ASP C 41 -10.04 2.93 -1.84
N VAL C 42 -10.68 3.43 -0.81
CA VAL C 42 -12.14 3.72 -0.92
C VAL C 42 -12.34 4.60 -2.16
N ALA C 43 -13.38 4.32 -2.94
CA ALA C 43 -13.73 5.14 -4.11
C ALA C 43 -13.93 6.59 -3.66
N PRO C 44 -13.50 7.57 -4.43
CA PRO C 44 -13.60 8.98 -4.00
C PRO C 44 -15.03 9.38 -3.63
N PHE C 45 -15.15 9.97 -2.43
CA PHE C 45 -16.42 10.51 -1.87
C PHE C 45 -17.37 9.40 -1.48
N ASP C 46 -16.99 8.12 -1.62
CA ASP C 46 -17.97 7.02 -1.50
C ASP C 46 -18.07 6.63 -0.03
N VAL C 47 -18.93 7.34 0.70
CA VAL C 47 -19.08 7.15 2.17
C VAL C 47 -19.58 5.73 2.40
N ARG C 48 -20.54 5.27 1.61
CA ARG C 48 -21.11 3.93 1.81
C ARG C 48 -20.05 2.84 1.62
N GLU C 49 -19.20 2.93 0.60
CA GLU C 49 -18.16 1.89 0.40
C GLU C 49 -17.20 1.92 1.61
N GLY C 50 -16.81 3.10 2.06
CA GLY C 50 -15.97 3.21 3.27
C GLY C 50 -16.65 2.56 4.46
N ALA C 51 -17.94 2.80 4.65
CA ALA C 51 -18.72 2.22 5.76
C ALA C 51 -18.70 0.71 5.66
N LEU C 52 -18.84 0.16 4.46
CA LEU C 52 -18.82 -1.32 4.27
C LEU C 52 -17.44 -1.87 4.64
N PHE C 53 -16.38 -1.19 4.20
CA PHE C 53 -15.00 -1.63 4.49
C PHE C 53 -14.72 -1.62 6.00
N LEU C 54 -15.36 -0.72 6.75
CA LEU C 54 -15.18 -0.68 8.23
C LEU C 54 -16.02 -1.68 9.00
N ALA C 55 -17.06 -2.26 8.40
CA ALA C 55 -18.07 -3.09 9.12
C ALA C 55 -17.39 -4.16 9.99
N ASP C 56 -16.38 -4.83 9.47
CA ASP C 56 -15.80 -5.96 10.25
C ASP C 56 -14.54 -5.58 11.01
N VAL C 57 -14.17 -4.31 10.94
CA VAL C 57 -12.95 -3.84 11.66
C VAL C 57 -13.08 -4.02 13.18
N PRO C 58 -14.19 -3.63 13.83
CA PRO C 58 -14.29 -3.82 15.27
C PRO C 58 -14.04 -5.27 15.71
N HIS C 59 -14.64 -6.24 15.03
CA HIS C 59 -14.51 -7.69 15.35
C HIS C 59 -13.05 -8.15 15.20
N SER C 60 -12.35 -7.76 14.13
CA SER C 60 -10.98 -8.28 13.86
C SER C 60 -9.90 -7.59 14.70
N PHE C 61 -10.07 -6.30 15.03
CA PHE C 61 -9.08 -5.52 15.76
C PHE C 61 -9.30 -5.67 17.25
N PRO C 62 -8.22 -5.56 18.03
CA PRO C 62 -8.38 -5.68 19.49
C PRO C 62 -8.99 -4.42 20.15
N ALA C 63 -9.33 -4.56 21.42
CA ALA C 63 -10.02 -3.54 22.24
C ALA C 63 -9.20 -2.23 22.29
N HIS C 64 -7.87 -2.29 22.20
CA HIS C 64 -6.98 -1.12 22.35
C HIS C 64 -6.77 -0.39 21.01
N THR C 65 -7.71 -0.51 20.08
CA THR C 65 -7.63 0.13 18.75
C THR C 65 -8.40 1.45 18.75
N VAL C 66 -7.81 2.45 18.10
CA VAL C 66 -8.53 3.66 17.66
C VAL C 66 -8.76 3.48 16.15
N ILE C 67 -9.99 3.37 15.73
CA ILE C 67 -10.38 3.29 14.29
C ILE C 67 -10.54 4.72 13.82
N CYS C 68 -9.61 5.14 12.97
CA CYS C 68 -9.52 6.52 12.44
C CYS C 68 -9.92 6.45 10.96
N ALA C 69 -11.02 7.07 10.55
CA ALA C 69 -11.53 6.89 9.19
C ALA C 69 -12.09 8.19 8.66
N TYR C 70 -11.75 8.56 7.43
CA TYR C 70 -12.47 9.67 6.80
C TYR C 70 -12.66 9.42 5.31
N VAL C 71 -13.89 9.68 4.92
CA VAL C 71 -14.35 9.89 3.53
C VAL C 71 -15.25 11.12 3.68
N TYR C 72 -14.74 12.29 3.34
CA TYR C 72 -15.21 13.54 3.96
C TYR C 72 -15.42 14.63 2.91
N PRO C 73 -16.31 14.40 1.92
CA PRO C 73 -16.60 15.45 0.93
C PRO C 73 -17.25 16.69 1.57
N GLU C 74 -17.74 16.57 2.81
CA GLU C 74 -18.32 17.68 3.59
C GLU C 74 -17.23 18.44 4.36
N THR C 75 -15.95 18.20 4.10
CA THR C 75 -14.86 18.88 4.84
C THR C 75 -15.06 20.40 4.76
N GLY C 76 -14.86 21.09 5.88
CA GLY C 76 -14.89 22.56 5.93
C GLY C 76 -16.31 23.09 6.05
N THR C 77 -17.29 22.24 6.37
CA THR C 77 -18.73 22.62 6.45
C THR C 77 -19.22 22.32 7.87
N ALA C 78 -20.51 22.39 8.11
CA ALA C 78 -21.12 22.15 9.44
C ALA C 78 -21.18 20.64 9.79
N THR C 79 -20.75 19.73 8.89
CA THR C 79 -20.72 18.28 9.18
C THR C 79 -19.52 18.00 10.09
N HIS C 80 -19.78 17.75 11.36
CA HIS C 80 -18.73 17.63 12.39
C HIS C 80 -18.08 16.24 12.33
N THR C 81 -16.90 16.15 12.92
CA THR C 81 -16.24 14.87 13.26
C THR C 81 -16.80 14.42 14.60
N ILE C 82 -16.97 13.11 14.76
CA ILE C 82 -17.38 12.50 16.06
C ILE C 82 -16.31 11.51 16.53
N ALA C 83 -16.24 11.34 17.85
CA ALA C 83 -15.42 10.31 18.50
C ALA C 83 -16.34 9.47 19.36
N VAL C 84 -16.22 8.16 19.21
CA VAL C 84 -17.16 7.19 19.81
C VAL C 84 -16.37 6.15 20.60
N ARG C 85 -16.88 5.74 21.75
CA ARG C 85 -16.41 4.49 22.42
C ARG C 85 -17.48 3.43 22.15
N ASN C 86 -17.09 2.27 21.65
CA ASN C 86 -18.06 1.19 21.35
C ASN C 86 -18.11 0.19 22.51
N GLU C 87 -19.01 -0.79 22.41
CA GLU C 87 -19.22 -1.83 23.44
C GLU C 87 -17.98 -2.72 23.60
N LYS C 88 -17.12 -2.83 22.58
CA LYS C 88 -15.86 -3.61 22.69
C LYS C 88 -14.79 -2.80 23.46
N GLY C 89 -14.99 -1.50 23.65
CA GLY C 89 -14.02 -0.62 24.31
C GLY C 89 -13.06 0.06 23.34
N GLN C 90 -13.28 -0.09 22.03
CA GLN C 90 -12.47 0.61 20.99
C GLN C 90 -12.95 2.06 20.91
N LEU C 91 -12.12 2.91 20.33
CA LEU C 91 -12.49 4.31 19.99
C LEU C 91 -12.58 4.40 18.47
N LEU C 92 -13.51 5.19 18.00
CA LEU C 92 -13.69 5.42 16.54
C LEU C 92 -13.75 6.93 16.33
N VAL C 93 -13.09 7.43 15.31
CA VAL C 93 -13.11 8.87 14.98
C VAL C 93 -13.43 8.99 13.49
N GLY C 94 -14.40 9.80 13.12
CA GLY C 94 -14.68 10.05 11.72
C GLY C 94 -15.76 11.09 11.55
N PRO C 95 -15.98 11.52 10.29
CA PRO C 95 -17.06 12.45 9.99
C PRO C 95 -18.42 11.85 10.37
N ASN C 96 -19.33 12.66 10.90
CA ASN C 96 -20.71 12.22 11.22
C ASN C 96 -21.56 12.28 9.94
N ASN C 97 -21.23 11.47 8.94
CA ASN C 97 -21.91 11.45 7.62
C ASN C 97 -22.34 10.02 7.26
N GLY C 98 -22.33 9.11 8.23
CA GLY C 98 -22.71 7.71 8.08
C GLY C 98 -21.52 6.78 7.92
N LEU C 99 -20.30 7.30 7.79
CA LEU C 99 -19.09 6.46 7.56
C LEU C 99 -18.96 5.32 8.60
N LEU C 100 -19.22 5.56 9.87
CA LEU C 100 -19.01 4.59 10.96
C LEU C 100 -20.27 3.74 11.17
N SER C 101 -21.32 3.92 10.38
CA SER C 101 -22.67 3.26 10.55
CA SER C 101 -22.64 3.29 10.68
C SER C 101 -22.55 1.76 10.76
N PHE C 102 -21.87 1.06 9.85
CA PHE C 102 -21.85 -0.41 9.84
C PHE C 102 -20.90 -0.97 10.90
N ALA C 103 -19.82 -0.25 11.20
CA ALA C 103 -18.94 -0.55 12.34
C ALA C 103 -19.78 -0.48 13.64
N LEU C 104 -20.65 0.52 13.74
CA LEU C 104 -21.46 0.69 14.98
C LEU C 104 -22.58 -0.35 14.99
N ASP C 105 -23.10 -0.79 13.86
CA ASP C 105 -24.07 -1.94 13.85
C ASP C 105 -23.39 -3.15 14.47
N ALA C 106 -22.13 -3.39 14.19
CA ALA C 106 -21.37 -4.56 14.70
C ALA C 106 -21.11 -4.39 16.20
N SER C 107 -20.72 -3.18 16.65
CA SER C 107 -20.42 -2.92 18.08
C SER C 107 -20.95 -1.54 18.43
N PRO C 108 -22.14 -1.46 19.07
CA PRO C 108 -22.81 -0.19 19.25
C PRO C 108 -22.03 0.85 20.05
N ALA C 109 -22.33 2.11 19.75
CA ALA C 109 -21.84 3.28 20.50
C ALA C 109 -22.29 3.18 21.95
N VAL C 110 -21.38 3.42 22.88
CA VAL C 110 -21.73 3.61 24.31
C VAL C 110 -21.67 5.09 24.65
N GLU C 111 -20.64 5.79 24.17
CA GLU C 111 -20.39 7.23 24.44
C GLU C 111 -20.05 7.88 23.11
N CYS C 112 -20.56 9.07 22.84
CA CYS C 112 -20.34 9.80 21.58
C CYS C 112 -20.08 11.25 21.92
N HIS C 113 -19.04 11.83 21.31
CA HIS C 113 -18.73 13.28 21.42
C HIS C 113 -18.57 13.87 20.03
N GLU C 114 -18.90 15.15 19.87
CA GLU C 114 -18.45 15.93 18.71
C GLU C 114 -17.03 16.41 18.97
N VAL C 115 -16.18 16.39 17.96
CA VAL C 115 -14.78 16.84 18.06
C VAL C 115 -14.76 18.33 17.76
N LEU C 116 -14.73 19.13 18.79
CA LEU C 116 -14.83 20.62 18.68
C LEU C 116 -13.67 21.30 19.39
N SER C 117 -12.96 20.64 20.29
CA SER C 117 -11.87 21.26 21.06
C SER C 117 -10.66 21.51 20.17
N PRO C 118 -10.15 22.76 20.11
CA PRO C 118 -8.98 23.05 19.28
C PRO C 118 -7.73 22.26 19.67
N ASP C 119 -7.67 21.84 20.94
CA ASP C 119 -6.48 21.20 21.54
C ASP C 119 -6.35 19.75 21.04
N VAL C 120 -7.37 19.19 20.37
CA VAL C 120 -7.22 17.83 19.77
C VAL C 120 -7.12 17.94 18.25
N MET C 121 -6.95 19.16 17.71
CA MET C 121 -6.86 19.38 16.25
C MET C 121 -5.46 19.82 15.90
N ASN C 122 -5.10 19.63 14.65
CA ASN C 122 -3.82 20.14 14.10
C ASN C 122 -4.07 21.56 13.58
N GLN C 123 -3.50 22.58 14.25
CA GLN C 123 -3.79 24.02 14.01
C GLN C 123 -2.73 24.60 13.07
N PRO C 124 -3.10 25.49 12.14
CA PRO C 124 -4.50 25.84 11.91
C PRO C 124 -5.19 24.76 11.05
N VAL C 125 -6.47 24.55 11.28
CA VAL C 125 -7.26 23.51 10.56
C VAL C 125 -7.52 23.99 9.13
N THR C 126 -7.07 23.25 8.12
CA THR C 126 -7.30 23.64 6.71
C THR C 126 -8.69 23.18 6.29
N PRO C 127 -9.53 24.04 5.71
CA PRO C 127 -10.90 23.66 5.36
C PRO C 127 -11.10 22.44 4.45
N THR C 128 -10.17 22.20 3.53
CA THR C 128 -10.28 21.11 2.56
C THR C 128 -9.64 19.81 3.09
N TRP C 129 -9.20 19.76 4.33
CA TRP C 129 -8.61 18.51 4.86
C TRP C 129 -8.87 18.36 6.34
N TYR C 130 -10.14 18.34 6.73
CA TYR C 130 -10.54 17.96 8.10
C TYR C 130 -10.05 16.54 8.39
N GLY C 131 -9.89 15.69 7.36
CA GLY C 131 -9.39 14.32 7.55
C GLY C 131 -8.05 14.33 8.26
N LYS C 132 -7.16 15.25 7.90
CA LYS C 132 -5.83 15.34 8.53
C LYS C 132 -5.95 16.13 9.84
N ASP C 133 -6.54 17.32 9.79
CA ASP C 133 -6.40 18.28 10.90
C ASP C 133 -7.40 18.03 12.03
N ILE C 134 -8.48 17.30 11.77
CA ILE C 134 -9.45 16.96 12.86
C ILE C 134 -9.44 15.44 13.08
N VAL C 135 -9.77 14.65 12.06
CA VAL C 135 -9.96 13.18 12.26
C VAL C 135 -8.64 12.53 12.67
N ALA C 136 -7.57 12.62 11.87
CA ALA C 136 -6.26 11.99 12.19
C ALA C 136 -5.68 12.58 13.48
N ALA C 137 -5.69 13.92 13.62
CA ALA C 137 -5.14 14.59 14.80
C ALA C 137 -5.86 14.07 16.05
N CYS C 138 -7.18 14.06 16.06
CA CYS C 138 -7.96 13.65 17.25
C CYS C 138 -7.71 12.16 17.57
N ALA C 139 -7.71 11.29 16.56
CA ALA C 139 -7.35 9.85 16.78
C ALA C 139 -6.01 9.75 17.51
N ALA C 140 -5.02 10.53 17.11
CA ALA C 140 -3.66 10.48 17.68
C ALA C 140 -3.69 10.99 19.12
N HIS C 141 -4.43 12.06 19.42
CA HIS C 141 -4.58 12.58 20.81
C HIS C 141 -5.20 11.47 21.69
N LEU C 142 -6.19 10.75 21.19
CA LEU C 142 -6.82 9.64 21.95
C LEU C 142 -5.78 8.53 22.15
N ALA C 143 -4.99 8.23 21.14
CA ALA C 143 -3.93 7.19 21.25
C ALA C 143 -2.85 7.63 22.24
N ALA C 144 -2.62 8.93 22.38
CA ALA C 144 -1.61 9.48 23.32
C ALA C 144 -2.20 9.53 24.76
N GLY C 145 -3.46 9.16 24.97
CA GLY C 145 -4.06 9.11 26.31
C GLY C 145 -4.97 10.29 26.65
N THR C 146 -5.30 11.16 25.70
CA THR C 146 -6.35 12.21 25.92
C THR C 146 -7.66 11.51 26.22
N ASP C 147 -8.37 11.93 27.27
CA ASP C 147 -9.72 11.37 27.57
C ASP C 147 -10.71 11.74 26.47
N LEU C 148 -11.61 10.82 26.17
CA LEU C 148 -12.60 11.02 25.11
C LEU C 148 -13.42 12.29 25.41
N ALA C 149 -13.72 12.56 26.68
CA ALA C 149 -14.56 13.73 27.09
C ALA C 149 -13.90 15.07 26.71
N ALA C 150 -12.59 15.12 26.57
CA ALA C 150 -11.82 16.32 26.25
C ALA C 150 -11.93 16.71 24.78
N VAL C 151 -12.51 15.88 23.90
CA VAL C 151 -12.52 16.23 22.45
C VAL C 151 -13.64 17.22 22.17
N GLY C 152 -14.67 17.25 23.02
CA GLY C 152 -15.82 18.13 22.77
C GLY C 152 -17.06 17.58 23.46
N PRO C 153 -18.22 18.17 23.15
CA PRO C 153 -19.43 17.88 23.90
C PRO C 153 -19.98 16.49 23.60
N ARG C 154 -20.59 15.91 24.61
CA ARG C 154 -21.35 14.65 24.49
C ARG C 154 -22.58 14.86 23.61
N ILE C 155 -22.87 13.91 22.73
CA ILE C 155 -24.12 13.92 21.94
C ILE C 155 -24.82 12.58 22.15
N ASP C 156 -26.13 12.55 21.96
CA ASP C 156 -26.90 11.28 22.00
C ASP C 156 -26.47 10.43 20.81
N PRO C 157 -26.17 9.12 20.99
CA PRO C 157 -25.91 8.22 19.85
C PRO C 157 -26.99 8.26 18.76
N LYS C 158 -28.24 8.62 19.08
CA LYS C 158 -29.29 8.84 18.02
C LYS C 158 -28.91 9.94 17.02
N GLN C 159 -28.02 10.87 17.39
CA GLN C 159 -27.61 11.98 16.48
C GLN C 159 -26.47 11.50 15.57
N ILE C 160 -26.02 10.25 15.73
CA ILE C 160 -25.00 9.69 14.78
C ILE C 160 -25.77 9.31 13.49
N VAL C 161 -25.41 9.93 12.38
CA VAL C 161 -25.99 9.64 11.05
C VAL C 161 -25.76 8.18 10.69
N ARG C 162 -26.81 7.50 10.26
CA ARG C 162 -26.76 6.06 9.92
C ARG C 162 -27.12 5.86 8.46
N LEU C 163 -26.49 4.89 7.80
CA LEU C 163 -26.80 4.52 6.40
C LEU C 163 -27.81 3.37 6.44
N PRO C 164 -28.83 3.42 5.54
CA PRO C 164 -29.74 2.28 5.42
C PRO C 164 -29.07 1.02 4.87
N TYR C 165 -29.56 -0.16 5.22
CA TYR C 165 -29.13 -1.42 4.56
C TYR C 165 -30.33 -2.37 4.33
N ALA C 166 -30.32 -3.09 3.22
CA ALA C 166 -31.35 -4.11 2.90
C ALA C 166 -31.19 -5.33 3.78
N SER C 167 -32.28 -5.94 4.20
CA SER C 167 -32.30 -7.26 4.88
C SER C 167 -32.81 -8.32 3.89
N ALA C 168 -32.24 -9.53 3.89
CA ALA C 168 -32.77 -10.69 3.16
C ALA C 168 -34.09 -11.12 3.80
N SER C 169 -35.00 -11.74 3.03
CA SER C 169 -36.27 -12.29 3.56
C SER C 169 -36.71 -13.53 2.78
N GLU C 170 -37.58 -14.33 3.41
CA GLU C 170 -38.24 -15.53 2.81
C GLU C 170 -39.24 -15.01 1.78
N VAL C 171 -39.26 -15.60 0.58
CA VAL C 171 -40.30 -15.38 -0.46
C VAL C 171 -40.85 -16.76 -0.86
N GLU C 172 -41.84 -16.81 -1.76
CA GLU C 172 -42.38 -18.06 -2.33
C GLU C 172 -41.21 -18.97 -2.71
N GLY C 173 -40.92 -19.98 -1.88
CA GLY C 173 -40.04 -21.12 -2.20
C GLY C 173 -38.55 -20.80 -2.14
N GLY C 174 -38.11 -19.79 -1.39
CA GLY C 174 -36.66 -19.48 -1.26
C GLY C 174 -36.36 -18.21 -0.47
N ILE C 175 -35.15 -17.65 -0.62
CA ILE C 175 -34.71 -16.43 0.12
C ILE C 175 -34.20 -15.38 -0.86
N ARG C 176 -34.76 -14.19 -0.78
CA ARG C 176 -34.46 -13.05 -1.67
C ARG C 176 -33.58 -12.10 -0.88
N GLY C 177 -32.37 -11.87 -1.35
CA GLY C 177 -31.48 -10.84 -0.80
C GLY C 177 -30.92 -9.98 -1.90
N GLU C 178 -29.75 -9.39 -1.67
CA GLU C 178 -29.05 -8.66 -2.74
C GLU C 178 -27.54 -8.79 -2.58
N VAL C 179 -26.86 -8.42 -3.65
CA VAL C 179 -25.39 -8.29 -3.71
C VAL C 179 -25.03 -7.07 -2.87
N VAL C 180 -24.18 -7.27 -1.86
CA VAL C 180 -23.68 -6.18 -0.96
C VAL C 180 -22.39 -5.62 -1.54
N ARG C 181 -21.47 -6.52 -1.90
CA ARG C 181 -20.19 -6.08 -2.49
C ARG C 181 -19.53 -7.21 -3.28
N ILE C 182 -18.55 -6.80 -4.08
CA ILE C 182 -17.69 -7.71 -4.88
C ILE C 182 -16.37 -7.83 -4.11
N ASP C 183 -15.92 -9.06 -3.93
CA ASP C 183 -14.57 -9.38 -3.44
C ASP C 183 -13.62 -9.19 -4.63
N ARG C 184 -13.21 -7.96 -4.92
CA ARG C 184 -12.71 -7.55 -6.24
C ARG C 184 -11.37 -8.19 -6.59
N ALA C 185 -10.54 -8.56 -5.61
CA ALA C 185 -9.25 -9.21 -5.93
C ALA C 185 -9.51 -10.50 -6.70
N PHE C 186 -10.62 -11.17 -6.42
CA PHE C 186 -10.89 -12.54 -6.95
C PHE C 186 -12.13 -12.57 -7.87
N GLY C 187 -13.02 -11.59 -7.77
CA GLY C 187 -14.29 -11.57 -8.51
C GLY C 187 -15.43 -12.34 -7.83
N ASN C 188 -15.30 -12.68 -6.55
CA ASN C 188 -16.36 -13.36 -5.79
C ASN C 188 -17.48 -12.36 -5.52
N VAL C 189 -18.71 -12.85 -5.41
CA VAL C 189 -19.91 -12.03 -5.14
C VAL C 189 -20.41 -12.29 -3.73
N TRP C 190 -20.58 -11.23 -2.95
CA TRP C 190 -21.05 -11.36 -1.56
C TRP C 190 -22.48 -10.83 -1.44
N THR C 191 -23.35 -11.59 -0.80
CA THR C 191 -24.77 -11.22 -0.59
C THR C 191 -25.01 -10.90 0.89
N ASN C 192 -26.23 -10.50 1.20
CA ASN C 192 -26.68 -10.22 2.59
C ASN C 192 -27.48 -11.39 3.11
N ILE C 193 -27.41 -12.56 2.47
CA ILE C 193 -28.21 -13.75 2.87
C ILE C 193 -27.47 -14.55 3.94
N PRO C 194 -27.96 -14.54 5.20
CA PRO C 194 -27.24 -15.18 6.29
C PRO C 194 -27.50 -16.68 6.43
N THR C 195 -26.51 -17.38 6.99
CA THR C 195 -26.54 -18.80 7.39
C THR C 195 -27.92 -19.18 7.94
N HIS C 196 -28.45 -18.45 8.91
CA HIS C 196 -29.64 -18.90 9.66
C HIS C 196 -30.87 -19.00 8.74
N LEU C 197 -30.98 -18.17 7.71
CA LEU C 197 -32.16 -18.20 6.80
C LEU C 197 -32.15 -19.43 5.89
N ILE C 198 -31.00 -20.00 5.57
CA ILE C 198 -30.91 -21.03 4.50
C ILE C 198 -30.85 -22.44 5.11
N GLY C 199 -31.31 -22.67 6.34
CA GLY C 199 -31.52 -24.02 6.90
C GLY C 199 -32.34 -24.88 5.95
N SER C 200 -31.67 -25.51 4.97
CA SER C 200 -32.23 -26.23 3.78
C SER C 200 -31.11 -26.53 2.77
N MET C 201 -29.94 -26.83 3.34
CA MET C 201 -28.78 -27.56 2.77
C MET C 201 -28.97 -29.07 2.96
N LEU C 202 -29.96 -29.46 3.78
CA LEU C 202 -30.47 -30.84 4.01
C LEU C 202 -31.07 -31.42 2.71
N GLN C 203 -30.24 -32.03 1.86
CA GLN C 203 -30.56 -32.49 0.48
C GLN C 203 -29.25 -32.88 -0.21
N ARG C 207 -28.15 -29.30 -4.81
CA ARG C 207 -27.93 -28.18 -5.77
C ARG C 207 -29.07 -27.19 -5.65
N LEU C 208 -28.76 -25.89 -5.72
CA LEU C 208 -29.73 -24.81 -5.48
C LEU C 208 -29.85 -23.92 -6.73
N GLU C 209 -31.03 -23.37 -6.92
CA GLU C 209 -31.30 -22.40 -8.00
C GLU C 209 -30.90 -21.03 -7.45
N VAL C 210 -30.01 -20.33 -8.13
CA VAL C 210 -29.70 -18.92 -7.80
C VAL C 210 -30.17 -18.05 -8.97
N LYS C 211 -31.07 -17.10 -8.71
CA LYS C 211 -31.62 -16.17 -9.72
C LYS C 211 -31.05 -14.78 -9.43
N ILE C 212 -30.24 -14.25 -10.33
CA ILE C 212 -29.64 -12.90 -10.24
C ILE C 212 -30.45 -11.99 -11.17
N GLU C 213 -31.03 -10.92 -10.63
CA GLU C 213 -31.87 -9.95 -11.37
C GLU C 213 -31.10 -8.65 -11.52
N ALA C 214 -30.82 -8.29 -12.76
CA ALA C 214 -30.27 -6.97 -13.19
C ALA C 214 -31.02 -6.52 -14.45
N LEU C 215 -30.34 -5.89 -15.40
CA LEU C 215 -30.97 -5.53 -16.71
C LEU C 215 -31.35 -6.83 -17.42
N SER C 216 -30.58 -7.92 -17.16
CA SER C 216 -30.99 -9.31 -17.52
C SER C 216 -30.98 -10.23 -16.30
N ASP C 217 -31.72 -11.32 -16.37
CA ASP C 217 -31.74 -12.42 -15.37
C ASP C 217 -30.67 -13.44 -15.73
N THR C 218 -29.91 -13.85 -14.73
CA THR C 218 -28.90 -14.95 -14.80
C THR C 218 -29.42 -16.01 -13.86
N VAL C 219 -29.94 -17.14 -14.35
CA VAL C 219 -30.40 -18.27 -13.48
C VAL C 219 -29.35 -19.39 -13.54
N LEU C 220 -28.79 -19.80 -12.40
CA LEU C 220 -27.74 -20.84 -12.32
C LEU C 220 -28.21 -21.92 -11.38
N GLU C 221 -27.83 -23.17 -11.62
CA GLU C 221 -28.03 -24.28 -10.67
C GLU C 221 -26.64 -24.58 -10.11
N LEU C 222 -26.42 -24.31 -8.83
CA LEU C 222 -25.06 -24.35 -8.21
C LEU C 222 -25.05 -25.31 -7.04
N PRO C 223 -23.91 -26.00 -6.85
CA PRO C 223 -23.69 -26.80 -5.64
C PRO C 223 -23.40 -25.85 -4.48
N PHE C 224 -23.95 -26.16 -3.30
CA PHE C 224 -23.58 -25.51 -2.04
C PHE C 224 -22.36 -26.22 -1.45
N CYS C 225 -21.23 -25.51 -1.35
CA CYS C 225 -19.91 -26.03 -0.96
C CYS C 225 -19.40 -25.29 0.29
N LYS C 226 -18.49 -25.91 1.03
CA LYS C 226 -17.81 -25.27 2.18
C LYS C 226 -16.70 -24.36 1.63
N THR C 227 -16.06 -24.74 0.54
CA THR C 227 -14.90 -23.97 0.04
C THR C 227 -14.70 -24.18 -1.45
N PHE C 228 -13.79 -23.38 -2.00
CA PHE C 228 -13.55 -23.25 -3.46
C PHE C 228 -13.16 -24.60 -4.08
N GLY C 229 -12.26 -25.35 -3.42
CA GLY C 229 -11.67 -26.57 -4.00
C GLY C 229 -12.66 -27.71 -4.17
N GLU C 230 -13.91 -27.57 -3.72
CA GLU C 230 -14.90 -28.68 -3.75
C GLU C 230 -15.56 -28.80 -5.13
N VAL C 231 -15.32 -27.89 -6.07
CA VAL C 231 -15.69 -28.08 -7.50
C VAL C 231 -14.43 -28.01 -8.34
N ASP C 232 -14.50 -28.38 -9.63
CA ASP C 232 -13.34 -28.31 -10.55
C ASP C 232 -12.93 -26.85 -10.78
N GLU C 233 -11.69 -26.65 -11.16
CA GLU C 233 -11.15 -25.30 -11.48
C GLU C 233 -12.01 -24.69 -12.59
N GLY C 234 -12.42 -23.44 -12.39
CA GLY C 234 -13.24 -22.67 -13.33
C GLY C 234 -14.72 -22.88 -13.13
N GLN C 235 -15.14 -23.81 -12.25
CA GLN C 235 -16.58 -24.12 -12.07
C GLN C 235 -17.15 -23.26 -10.95
N PRO C 236 -18.45 -22.94 -11.03
CA PRO C 236 -19.10 -22.09 -10.03
C PRO C 236 -19.56 -22.83 -8.78
N LEU C 237 -19.60 -22.10 -7.67
CA LEU C 237 -20.10 -22.59 -6.38
C LEU C 237 -20.81 -21.51 -5.60
N LEU C 238 -21.74 -21.95 -4.78
CA LEU C 238 -22.37 -21.17 -3.71
C LEU C 238 -21.69 -21.60 -2.40
N TYR C 239 -21.37 -20.67 -1.52
CA TYR C 239 -20.69 -20.98 -0.22
C TYR C 239 -21.04 -19.89 0.79
N LEU C 240 -20.85 -20.21 2.08
CA LEU C 240 -20.89 -19.20 3.16
C LEU C 240 -19.51 -18.54 3.29
N ASN C 241 -19.49 -17.22 3.17
CA ASN C 241 -18.19 -16.50 3.16
C ASN C 241 -17.68 -16.31 4.60
N SER C 242 -16.60 -15.55 4.75
CA SER C 242 -16.01 -15.28 6.09
C SER C 242 -16.91 -14.46 7.03
N ARG C 243 -17.99 -13.88 6.50
CA ARG C 243 -18.93 -13.07 7.32
C ARG C 243 -20.21 -13.87 7.59
N GLY C 244 -20.25 -15.14 7.19
CA GLY C 244 -21.43 -15.99 7.41
C GLY C 244 -22.57 -15.64 6.47
N ARG C 245 -22.23 -15.23 5.25
CA ARG C 245 -23.28 -14.86 4.28
C ARG C 245 -23.06 -15.60 2.96
N LEU C 246 -24.15 -15.84 2.23
CA LEU C 246 -24.03 -16.54 0.95
C LEU C 246 -23.15 -15.72 0.00
N ALA C 247 -22.31 -16.44 -0.73
CA ALA C 247 -21.40 -15.89 -1.73
C ALA C 247 -21.40 -16.79 -2.97
N LEU C 248 -21.00 -16.22 -4.12
CA LEU C 248 -20.80 -16.93 -5.39
C LEU C 248 -19.34 -16.75 -5.81
N GLY C 249 -18.72 -17.79 -6.32
CA GLY C 249 -17.40 -17.74 -6.92
C GLY C 249 -17.22 -18.78 -7.97
N LEU C 250 -16.12 -18.66 -8.70
CA LEU C 250 -15.57 -19.72 -9.57
C LEU C 250 -14.31 -20.22 -8.88
N ASN C 251 -14.10 -21.53 -8.82
CA ASN C 251 -12.86 -22.06 -8.20
C ASN C 251 -11.66 -21.62 -9.04
N GLN C 252 -10.79 -20.77 -8.48
CA GLN C 252 -9.55 -20.28 -9.14
C GLN C 252 -9.91 -19.55 -10.44
N SER C 253 -11.03 -18.85 -10.45
CA SER C 253 -11.31 -17.91 -11.56
C SER C 253 -12.16 -16.75 -11.04
N ASN C 254 -12.65 -15.93 -11.95
CA ASN C 254 -13.29 -14.63 -11.61
C ASN C 254 -14.78 -14.70 -11.98
N PHE C 255 -15.65 -14.85 -11.00
CA PHE C 255 -17.11 -15.00 -11.21
C PHE C 255 -17.68 -13.76 -11.94
N ILE C 256 -17.41 -12.53 -11.49
CA ILE C 256 -18.06 -11.35 -12.13
C ILE C 256 -17.54 -11.10 -13.54
N GLU C 257 -16.36 -11.58 -13.91
CA GLU C 257 -15.88 -11.46 -15.31
C GLU C 257 -16.69 -12.40 -16.23
N LYS C 258 -17.26 -13.48 -15.70
CA LYS C 258 -18.07 -14.44 -16.49
C LYS C 258 -19.53 -13.99 -16.44
N TRP C 259 -20.05 -13.70 -15.26
CA TRP C 259 -21.44 -13.25 -15.00
C TRP C 259 -21.41 -11.92 -14.28
N PRO C 260 -21.39 -10.80 -15.03
CA PRO C 260 -21.33 -9.49 -14.40
C PRO C 260 -22.56 -9.28 -13.52
N VAL C 261 -22.31 -8.72 -12.35
CA VAL C 261 -23.32 -8.41 -11.32
C VAL C 261 -22.72 -7.21 -10.57
N VAL C 262 -23.53 -6.31 -10.06
CA VAL C 262 -23.03 -5.15 -9.27
C VAL C 262 -23.79 -5.11 -7.96
N PRO C 263 -23.24 -4.39 -6.95
CA PRO C 263 -23.94 -4.16 -5.71
C PRO C 263 -25.32 -3.58 -5.94
N GLY C 264 -26.31 -4.08 -5.18
CA GLY C 264 -27.72 -3.69 -5.29
C GLY C 264 -28.53 -4.68 -6.11
N ASP C 265 -27.88 -5.54 -6.92
CA ASP C 265 -28.59 -6.55 -7.78
C ASP C 265 -29.28 -7.56 -6.85
N SER C 266 -30.54 -7.90 -7.12
CA SER C 266 -31.32 -8.90 -6.34
C SER C 266 -30.78 -10.29 -6.61
N ILE C 267 -30.73 -11.14 -5.59
CA ILE C 267 -30.24 -12.54 -5.66
C ILE C 267 -31.29 -13.35 -4.91
N THR C 268 -31.91 -14.35 -5.54
CA THR C 268 -32.80 -15.31 -4.87
C THR C 268 -32.15 -16.69 -4.92
N VAL C 269 -32.18 -17.37 -3.78
CA VAL C 269 -31.68 -18.77 -3.64
C VAL C 269 -32.87 -19.65 -3.26
N SER C 270 -33.08 -20.72 -4.02
CA SER C 270 -34.27 -21.59 -3.87
C SER C 270 -33.86 -23.04 -4.09
N PRO C 271 -34.58 -24.03 -3.52
CA PRO C 271 -34.42 -25.43 -3.92
C PRO C 271 -34.63 -25.60 -5.43
N ARG C 272 -33.94 -26.54 -6.07
CA ARG C 272 -34.00 -26.70 -7.56
C ARG C 272 -35.33 -27.40 -7.92
N9 5CD D . 16.01 1.84 -12.23
C8 5CD D . 15.37 0.63 -12.33
N7 5CD D . 15.27 0.28 -13.62
C5 5CD D . 15.86 1.24 -14.33
C4 5CD D . 16.35 2.24 -13.45
N3 5CD D . 17.02 3.34 -13.87
C2 5CD D . 17.18 3.52 -15.17
N1 5CD D . 16.74 2.64 -16.06
C6 5CD D . 16.11 1.47 -15.72
N6 5CD D . 15.69 0.60 -16.63
O2' 5CD D . 14.84 4.78 -10.77
C2' 5CD D . 15.02 3.37 -10.46
C3' 5CD D . 15.16 3.14 -8.95
O3' 5CD D . 14.87 4.30 -8.11
C4' 5CD D . 16.62 2.68 -8.86
C5' 5CD D . 17.01 1.77 -7.69
CL 5CD D . 18.56 2.38 -6.96
O4' 5CD D . 16.86 1.93 -10.05
C1' 5CD D . 16.33 2.72 -11.07
N9 5CD E . -12.28 15.88 -1.34
C8 5CD E . -11.15 15.95 -2.10
N7 5CD E . -11.40 16.51 -3.34
C5 5CD E . -12.80 16.76 -3.30
C4 5CD E . -13.34 16.39 -2.02
N3 5CD E . -14.68 16.50 -1.74
C2 5CD E . -15.50 17.00 -2.65
N1 5CD E . -15.06 17.34 -3.88
C6 5CD E . -13.75 17.24 -4.20
N6 5CD E . -13.31 17.62 -5.41
O2' 5CD E . -13.64 13.03 0.04
C2' 5CD E . -12.37 13.72 0.01
C3' 5CD E . -11.49 13.47 1.26
O3' 5CD E . -11.99 12.48 2.14
C4' 5CD E . -11.51 14.88 1.91
C5' 5CD E . -10.35 15.25 2.83
CL 5CD E . -11.01 15.86 4.39
O4' 5CD E . -11.54 15.84 0.84
C1' 5CD E . -12.50 15.30 -0.01
N9 5CD F . -9.46 -17.54 -2.80
C8 5CD F . -10.28 -16.42 -2.82
N7 5CD F . -11.25 -16.55 -3.77
C5 5CD F . -11.03 -17.77 -4.36
C4 5CD F . -9.87 -18.41 -3.71
N3 5CD F . -9.41 -19.63 -4.08
C2 5CD F . -9.99 -20.21 -5.14
N1 5CD F . -11.04 -19.67 -5.79
C6 5CD F . -11.59 -18.47 -5.48
N6 5CD F . -12.63 -17.97 -6.14
O2' 5CD F . -6.08 -17.62 -3.07
C2' 5CD F . -7.06 -16.93 -2.31
C3' 5CD F . -6.55 -16.50 -0.91
O3' 5CD F . -5.13 -16.64 -0.70
C4' 5CD F . -7.31 -17.41 -0.01
C5' 5CD F . -7.57 -16.96 1.44
CL 5CD F . -7.24 -18.36 2.58
O4' 5CD F . -8.63 -17.58 -0.61
C1' 5CD F . -8.29 -17.83 -1.95
#